data_9RS9
#
_entry.id   9RS9
#
_cell.length_a   1.00
_cell.length_b   1.00
_cell.length_c   1.00
_cell.angle_alpha   90.00
_cell.angle_beta   90.00
_cell.angle_gamma   90.00
#
_symmetry.space_group_name_H-M   'P 1'
#
loop_
_entity.id
_entity.type
_entity.pdbx_description
1 polymer 'Protein fuzzy homolog'
2 polymer 'Protein inturned'
3 polymer 'Ras-related protein Rab-23'
#
loop_
_entity_poly.entity_id
_entity_poly.type
_entity_poly.pdbx_seq_one_letter_code
_entity_poly.pdbx_strand_id
1 'polypeptide(L)'
;VGEEGTGGTVHLLCLAASSGVPLFCRSSRGGAPARQQLPFSVIGSLNGVHMFGQNLEVQLSSARTENTTVVWKSFHDSIT
LIVLSSEVGISELRLERLLQMVFGAMVLLVGLEELTNIRNVERLKKDLRASYCLIDSFLGDSELIGDLTQCVDCVIPPEG
SLLQEALSGFAEAAGTTFVSLVVSGRVVAATEGWWRLGTPEAVLLPWLVGSLPPQTARDYPVYLPHGSPTVPHRLLTLTL
LPSLELCLLCGPSPPLSQLYPQLLERWWQPLLDPLRACLPLGPRALPSGFPLHTDILGLLLLHLELKRCLFTVEPLGDKE
PSPEQRRRLLRNFYTLVTSTHFPPEPGPPEKTEDEVYQAQLPRACYLVLGTEEPGTGVRLVALQLGLRRLLLLLSPQSPT
HGLRSLATHTLHALTPLL
;
A
2 'polypeptide(L)'
;MDYKDDDDKGVPRIPMASVASCDSRPSSDELPGDPSSQEEDEDYDFEDRVSDSGSYSSASSDYDDLEPEWLDSVQKNGEL
FYLELSEDEEESLLPETPTVNHVRFSENEIIIEDDYKERKKYEPKLKQFTKILRRKRLLPKRCNKKNSNDNGPVSILKHQ
SNQKTGVIVQQRYKDVNVYVNPKKLTVIKAKEQLKLLEVLVGIIHQTKWSWRRTGKQGDGERLVVHGLLPGGSAMKSGQV
LIGDVLVAVNDVDVTTENIERVLSCIPGPMQVKLTFENAYDVKRETSHPRQKKTQSNTSDLVKLLWGEEVEGIQQSGLNT
PHIIMYLTLQLDSETSKEEQEILYHYPMSEASQKLKSVRGIFLTLCDMLENVTGTQVTSSSLLLNGKQIHVAYWKESDKL
LLIGLPAEEVPLPRLRNMIENVIQTLKFMYGSLDSAFCQIENVPRLDHFFNLFFQRALQPAKLHSSASPSAQQYDASSAV
LLDNLPGVRWLTLPLEIKMELDMALSDLEAADFAELSEDYYDMRRLYTILGSSLFYKGYLICSHLPKDDLIDIAVYCRHY
CLLPLAAKQRIGQLIIWREVFPQHHLRPLADSSTEVFPEPEGRYFLLVVGLKHYMLCVLLEAGGCASKAIGSPGPDCVYV
DQVKTTLHQLDGVDSRIDERLASSPVPCLSCADWFLTGSREKTDSLTTSPILSRLQGTSKVATSPTCRRTLFGDYSLKTR
KPSPSCSSGGSDNGCEGGEDDGFSPHTTPDAVRKQRESQGSDGLEESGTLLKVTKKKSTLPNPFHLGNLKKDLPEKELEI
YNTVKLTSGPENTLFHYVALETVQGIFITPTLEEVAQLSGSIHPQLIKNFHQCCLSIRAVFQQTLVEEKKKGLNSGDHSD
SAKSVSSLNPVKEHGVLFECSPGNWTDQKKAPPVMAYWVVGRLFLHPKPQELYVCFHDSVTEIAIEIAFKLFFGLTL
;
B
3 'polypeptide(L)'
;GPLGSEFELLEEDMEVAIKMVVVGNGAVGKSSMIQRYCKGIFTKDYKKTIGVDFLERQIQVNDEDVRLMLWDTAGQEEFD
AITKAYYRGAQACVLVFSTTDRESFEAVSSWREKVVAEVGDIPTVLVQIKIDLLDDSCIKNEEAEALAKRLKLRFYRTSV
KEDLNVNEVFKYLAEKYLQKLKQQIAEDPELTHSSSNKIGVFNTSGGSHSGQNSGTLNGGDVINLRPNKQRTKKNRNPFS
SCSIP
;
C
#
# COMPACT_ATOMS: atom_id res chain seq x y z
N GLY A 8 13.61 -2.54 8.37
CA GLY A 8 13.02 -3.76 7.84
C GLY A 8 12.11 -4.45 8.83
N THR A 9 11.56 -3.69 9.76
CA THR A 9 10.63 -4.25 10.75
C THR A 9 9.38 -4.76 10.05
N VAL A 10 8.97 -5.98 10.40
CA VAL A 10 7.80 -6.59 9.77
C VAL A 10 7.04 -7.39 10.82
N HIS A 11 5.72 -7.23 10.83
CA HIS A 11 4.84 -7.91 11.76
C HIS A 11 3.72 -8.60 10.98
N LEU A 12 3.51 -9.87 11.24
CA LEU A 12 2.43 -10.66 10.67
C LEU A 12 1.43 -10.99 11.77
N LEU A 13 0.17 -10.60 11.59
CA LEU A 13 -0.87 -10.88 12.56
C LEU A 13 -2.00 -11.65 11.88
N CYS A 14 -2.37 -12.77 12.46
CA CYS A 14 -3.41 -13.64 11.94
C CYS A 14 -4.63 -13.55 12.87
N LEU A 15 -5.76 -13.16 12.31
CA LEU A 15 -6.96 -12.83 13.07
C LEU A 15 -8.12 -13.73 12.66
N ALA A 16 -8.94 -14.09 13.64
CA ALA A 16 -10.18 -14.81 13.36
C ALA A 16 -11.26 -13.80 13.02
N ALA A 17 -11.67 -13.76 11.76
CA ALA A 17 -12.58 -12.70 11.30
C ALA A 17 -13.92 -12.76 12.01
N SER A 18 -14.47 -13.96 12.19
CA SER A 18 -15.79 -14.09 12.81
C SER A 18 -15.77 -13.59 14.24
N SER A 19 -14.73 -13.94 15.00
CA SER A 19 -14.66 -13.57 16.41
C SER A 19 -13.92 -12.26 16.62
N GLY A 20 -12.70 -12.16 16.08
CA GLY A 20 -11.86 -10.99 16.28
C GLY A 20 -10.61 -11.27 17.08
N VAL A 21 -10.49 -12.44 17.68
CA VAL A 21 -9.31 -12.77 18.48
C VAL A 21 -8.15 -13.07 17.53
N PRO A 22 -6.99 -12.44 17.73
CA PRO A 22 -5.83 -12.77 16.89
C PRO A 22 -5.34 -14.17 17.20
N LEU A 23 -4.71 -14.79 16.20
CA LEU A 23 -4.20 -16.14 16.39
C LEU A 23 -2.77 -16.15 16.91
N PHE A 24 -1.89 -15.33 16.35
CA PHE A 24 -0.55 -15.17 16.90
C PHE A 24 0.04 -13.86 16.38
N CYS A 25 1.21 -13.51 16.90
CA CYS A 25 1.86 -12.26 16.56
C CYS A 25 3.25 -12.50 15.98
N ARG A 26 3.35 -13.44 15.03
CA ARG A 26 4.63 -13.76 14.43
C ARG A 26 5.22 -12.54 13.74
N SER A 27 6.49 -12.28 14.01
CA SER A 27 7.15 -11.09 13.48
C SER A 27 8.64 -11.38 13.33
N SER A 28 9.25 -10.72 12.35
CA SER A 28 10.67 -10.92 12.01
C SER A 28 11.36 -9.58 11.82
N ARG A 29 11.20 -8.70 12.81
CA ARG A 29 11.79 -7.36 12.72
C ARG A 29 13.28 -7.43 12.48
N GLY A 30 13.76 -6.62 11.53
CA GLY A 30 15.17 -6.58 11.22
C GLY A 30 15.70 -7.80 10.50
N GLY A 31 14.83 -8.57 9.85
CA GLY A 31 15.27 -9.79 9.18
C GLY A 31 15.48 -10.98 10.09
N ALA A 32 16.17 -10.78 11.21
CA ALA A 32 16.37 -11.85 12.17
C ALA A 32 15.04 -12.21 12.82
N PRO A 33 14.87 -13.47 13.23
CA PRO A 33 13.60 -13.88 13.84
C PRO A 33 13.42 -13.30 15.23
N ALA A 34 13.26 -11.98 15.31
CA ALA A 34 13.06 -11.32 16.60
C ALA A 34 11.72 -11.72 17.19
N ARG A 35 11.73 -12.08 18.47
CA ARG A 35 10.50 -12.47 19.18
C ARG A 35 9.83 -11.23 19.76
N GLN A 36 9.38 -10.35 18.86
CA GLN A 36 8.76 -9.10 19.25
C GLN A 36 7.25 -9.27 19.30
N GLN A 37 6.66 -8.88 20.43
CA GLN A 37 5.23 -8.96 20.64
C GLN A 37 4.60 -7.60 20.35
N LEU A 38 3.77 -7.56 19.32
CA LEU A 38 3.11 -6.32 18.93
C LEU A 38 1.97 -6.03 19.90
N PRO A 39 1.92 -4.84 20.52
CA PRO A 39 0.91 -4.58 21.54
C PRO A 39 -0.51 -4.68 20.99
N PHE A 40 -1.43 -5.09 21.86
CA PHE A 40 -2.81 -5.35 21.44
C PHE A 40 -3.52 -4.09 20.96
N SER A 41 -2.98 -2.91 21.26
CA SER A 41 -3.58 -1.69 20.74
C SER A 41 -3.76 -1.75 19.23
N VAL A 42 -2.64 -1.91 18.52
CA VAL A 42 -2.69 -1.87 17.06
C VAL A 42 -3.40 -3.10 16.50
N ILE A 43 -3.21 -4.26 17.12
CA ILE A 43 -3.91 -5.46 16.64
C ILE A 43 -5.42 -5.25 16.71
N GLY A 44 -5.90 -4.82 17.87
CA GLY A 44 -7.32 -4.56 18.01
C GLY A 44 -7.81 -3.49 17.05
N SER A 45 -7.03 -2.42 16.89
CA SER A 45 -7.44 -1.33 16.03
C SER A 45 -7.54 -1.77 14.57
N LEU A 46 -6.54 -2.52 14.10
CA LEU A 46 -6.56 -3.00 12.72
C LEU A 46 -7.69 -4.01 12.51
N ASN A 47 -7.90 -4.90 13.48
CA ASN A 47 -9.01 -5.82 13.37
C ASN A 47 -10.33 -5.05 13.32
N GLY A 48 -10.47 -4.02 14.16
CA GLY A 48 -11.70 -3.26 14.21
C GLY A 48 -11.96 -2.51 12.92
N VAL A 49 -10.92 -1.92 12.32
CA VAL A 49 -11.12 -1.25 11.05
C VAL A 49 -11.49 -2.27 9.98
N HIS A 50 -10.93 -3.48 10.07
CA HIS A 50 -11.30 -4.50 9.09
C HIS A 50 -12.77 -4.89 9.21
N MET A 51 -13.25 -5.09 10.43
CA MET A 51 -14.67 -5.44 10.57
C MET A 51 -15.58 -4.26 10.25
N PHE A 52 -15.12 -3.03 10.52
CA PHE A 52 -15.88 -1.86 10.10
C PHE A 52 -16.04 -1.82 8.59
N GLY A 53 -14.96 -2.11 7.86
CA GLY A 53 -15.05 -2.18 6.42
C GLY A 53 -15.94 -3.32 5.95
N GLN A 54 -15.79 -4.50 6.55
CA GLN A 54 -16.56 -5.66 6.12
C GLN A 54 -18.05 -5.43 6.33
N ASN A 55 -18.42 -4.82 7.46
CA ASN A 55 -19.83 -4.53 7.71
C ASN A 55 -20.37 -3.58 6.65
N LEU A 56 -19.60 -2.56 6.30
CA LEU A 56 -20.03 -1.58 5.30
C LEU A 56 -19.75 -2.04 3.87
N GLU A 57 -19.49 -3.33 3.66
CA GLU A 57 -19.30 -3.91 2.34
C GLU A 57 -18.17 -3.21 1.58
N VAL A 58 -17.12 -2.83 2.30
CA VAL A 58 -15.96 -2.17 1.72
C VAL A 58 -14.72 -2.85 2.28
N GLN A 59 -14.01 -3.59 1.44
CA GLN A 59 -12.84 -4.33 1.89
C GLN A 59 -11.66 -3.35 1.98
N LEU A 60 -11.17 -3.14 3.20
CA LEU A 60 -10.00 -2.29 3.42
C LEU A 60 -8.76 -3.12 3.07
N SER A 61 -8.14 -2.82 1.94
CA SER A 61 -7.03 -3.64 1.48
C SER A 61 -5.72 -3.26 2.16
N SER A 62 -5.26 -2.03 1.96
CA SER A 62 -3.96 -1.63 2.49
C SER A 62 -3.96 -0.15 2.81
N ALA A 63 -3.03 0.24 3.66
CA ALA A 63 -2.81 1.64 4.00
C ALA A 63 -1.31 1.87 4.06
N ARG A 64 -0.82 2.83 3.28
CA ARG A 64 0.60 3.10 3.17
C ARG A 64 0.95 4.38 3.91
N THR A 65 2.00 4.33 4.72
CA THR A 65 2.61 5.53 5.29
C THR A 65 3.99 5.72 4.71
N GLU A 66 4.59 6.88 5.02
CA GLU A 66 5.90 7.20 4.46
C GLU A 66 6.98 6.23 4.94
N ASN A 67 6.92 5.84 6.21
CA ASN A 67 7.92 4.94 6.77
C ASN A 67 7.61 3.49 6.44
N THR A 68 6.42 3.00 6.81
CA THR A 68 6.06 1.59 6.71
C THR A 68 4.88 1.43 5.76
N THR A 69 4.30 0.23 5.75
CA THR A 69 3.12 -0.07 4.97
C THR A 69 2.36 -1.18 5.67
N VAL A 70 1.05 -0.98 5.80
CA VAL A 70 0.17 -1.97 6.43
C VAL A 70 -0.83 -2.46 5.40
N VAL A 71 -1.19 -3.73 5.54
CA VAL A 71 -2.10 -4.38 4.60
C VAL A 71 -2.99 -5.35 5.35
N TRP A 72 -4.28 -5.40 4.98
CA TRP A 72 -5.23 -6.37 5.48
C TRP A 72 -5.72 -7.21 4.31
N LYS A 73 -6.12 -8.45 4.60
CA LYS A 73 -7.03 -9.10 3.67
C LYS A 73 -7.77 -10.21 4.40
N SER A 74 -8.92 -10.58 3.84
CA SER A 74 -9.80 -11.58 4.42
C SER A 74 -9.88 -12.79 3.50
N PHE A 75 -9.32 -13.91 3.94
CA PHE A 75 -9.43 -15.16 3.22
C PHE A 75 -10.74 -15.84 3.59
N HIS A 76 -11.42 -16.37 2.58
CA HIS A 76 -12.71 -17.04 2.78
C HIS A 76 -13.69 -16.14 3.52
N ASP A 77 -14.06 -16.52 4.73
CA ASP A 77 -15.00 -15.73 5.52
C ASP A 77 -14.61 -15.56 6.98
N SER A 78 -13.75 -16.40 7.55
CA SER A 78 -13.51 -16.42 8.98
C SER A 78 -12.06 -16.20 9.36
N ILE A 79 -11.19 -15.87 8.41
CA ILE A 79 -9.76 -15.72 8.66
C ILE A 79 -9.29 -14.48 7.94
N THR A 80 -8.50 -13.65 8.63
CA THR A 80 -7.88 -12.48 8.03
C THR A 80 -6.41 -12.45 8.40
N LEU A 81 -5.61 -11.83 7.53
CA LEU A 81 -4.19 -11.68 7.75
C LEU A 81 -3.81 -10.23 7.51
N ILE A 82 -3.03 -9.64 8.41
CA ILE A 82 -2.58 -8.27 8.21
C ILE A 82 -1.08 -8.23 8.44
N VAL A 83 -0.42 -7.27 7.79
CA VAL A 83 1.02 -7.11 7.84
C VAL A 83 1.35 -5.65 8.06
N LEU A 84 2.28 -5.39 8.98
CA LEU A 84 3.04 -4.15 9.02
C LEU A 84 4.42 -4.44 8.46
N SER A 85 4.98 -3.49 7.72
CA SER A 85 6.29 -3.73 7.13
C SER A 85 6.99 -2.41 6.85
N SER A 86 8.15 -2.21 7.47
CA SER A 86 8.92 -0.97 7.34
C SER A 86 10.12 -1.12 6.42
N GLU A 87 10.20 -2.21 5.67
CA GLU A 87 11.32 -2.42 4.77
C GLU A 87 11.35 -1.34 3.70
N VAL A 88 12.55 -0.89 3.35
CA VAL A 88 12.71 0.18 2.37
C VAL A 88 12.62 -0.40 0.97
N GLY A 89 11.55 -0.05 0.25
CA GLY A 89 11.33 -0.57 -1.08
C GLY A 89 10.15 -1.51 -1.17
N ILE A 90 9.12 -1.23 -0.38
CA ILE A 90 7.95 -2.09 -0.31
C ILE A 90 6.90 -1.66 -1.33
N SER A 91 6.29 -2.64 -1.99
CA SER A 91 5.12 -2.42 -2.82
C SER A 91 3.99 -3.33 -2.37
N GLU A 92 2.79 -3.05 -2.85
CA GLU A 92 1.61 -3.76 -2.37
C GLU A 92 1.62 -5.22 -2.80
N LEU A 93 2.13 -5.50 -4.00
CA LEU A 93 1.99 -6.83 -4.57
C LEU A 93 2.86 -7.83 -3.81
N ARG A 94 4.03 -7.40 -3.34
CA ARG A 94 4.85 -8.27 -2.49
C ARG A 94 4.08 -8.68 -1.23
N LEU A 95 3.44 -7.71 -0.59
CA LEU A 95 2.70 -8.01 0.63
C LEU A 95 1.51 -8.91 0.35
N GLU A 96 0.83 -8.69 -0.78
CA GLU A 96 -0.32 -9.52 -1.11
C GLU A 96 0.10 -10.95 -1.39
N ARG A 97 1.22 -11.15 -2.10
CA ARG A 97 1.73 -12.50 -2.31
C ARG A 97 2.14 -13.14 -0.99
N LEU A 98 2.74 -12.35 -0.10
CA LEU A 98 3.09 -12.89 1.21
C LEU A 98 1.85 -13.35 1.96
N LEU A 99 0.78 -12.57 1.90
CA LEU A 99 -0.47 -12.95 2.55
C LEU A 99 -1.02 -14.24 1.95
N GLN A 100 -1.08 -14.33 0.62
CA GLN A 100 -1.59 -15.53 -0.02
C GLN A 100 -0.74 -16.75 0.35
N MET A 101 0.57 -16.57 0.41
CA MET A 101 1.46 -17.68 0.72
C MET A 101 1.34 -18.12 2.18
N VAL A 102 1.18 -17.18 3.11
CA VAL A 102 0.99 -17.58 4.50
C VAL A 102 -0.34 -18.29 4.67
N PHE A 103 -1.40 -17.84 3.99
CA PHE A 103 -2.67 -18.54 4.07
C PHE A 103 -2.57 -19.94 3.48
N GLY A 104 -1.88 -20.06 2.33
CA GLY A 104 -1.67 -21.37 1.76
C GLY A 104 -0.88 -22.29 2.68
N ALA A 105 0.12 -21.73 3.36
CA ALA A 105 0.86 -22.51 4.35
C ALA A 105 -0.03 -22.96 5.49
N MET A 106 -0.92 -22.08 5.94
CA MET A 106 -1.84 -22.44 7.02
C MET A 106 -2.72 -23.60 6.60
N VAL A 107 -3.40 -23.47 5.45
CA VAL A 107 -4.25 -24.56 4.98
C VAL A 107 -3.43 -25.79 4.64
N LEU A 108 -2.14 -25.63 4.40
CA LEU A 108 -1.27 -26.79 4.22
C LEU A 108 -1.06 -27.52 5.54
N LEU A 109 -0.87 -26.77 6.63
CA LEU A 109 -0.50 -27.38 7.91
C LEU A 109 -1.69 -27.71 8.79
N VAL A 110 -2.77 -26.94 8.75
CA VAL A 110 -3.93 -27.23 9.58
C VAL A 110 -5.17 -27.56 8.75
N GLY A 111 -5.17 -27.26 7.45
CA GLY A 111 -6.29 -27.60 6.59
C GLY A 111 -7.43 -26.60 6.70
N LEU A 112 -8.38 -26.74 5.78
CA LEU A 112 -9.55 -25.88 5.80
C LEU A 112 -10.36 -26.08 7.07
N GLU A 113 -10.51 -27.33 7.50
CA GLU A 113 -11.07 -27.60 8.82
C GLU A 113 -10.15 -27.03 9.90
N GLU A 114 -10.76 -26.52 10.96
CA GLU A 114 -10.13 -25.78 12.05
C GLU A 114 -9.63 -24.42 11.60
N LEU A 115 -9.73 -24.08 10.32
CA LEU A 115 -9.46 -22.74 9.83
C LEU A 115 -10.73 -22.01 9.40
N THR A 116 -11.67 -22.72 8.80
CA THR A 116 -13.03 -22.23 8.62
C THR A 116 -13.96 -23.07 9.47
N ASN A 117 -14.99 -22.42 10.03
CA ASN A 117 -15.90 -23.05 10.99
C ASN A 117 -15.07 -23.55 12.18
N ILE A 118 -14.56 -22.58 12.92
CA ILE A 118 -13.72 -22.85 14.08
C ILE A 118 -14.62 -23.24 15.25
N ARG A 119 -14.45 -24.46 15.75
CA ARG A 119 -15.18 -24.86 16.96
C ARG A 119 -14.74 -24.02 18.16
N ASN A 120 -13.44 -23.80 18.30
CA ASN A 120 -12.91 -22.88 19.30
C ASN A 120 -11.51 -22.48 18.89
N VAL A 121 -11.17 -21.21 19.13
CA VAL A 121 -9.91 -20.66 18.64
C VAL A 121 -8.73 -20.96 19.56
N GLU A 122 -8.98 -21.37 20.81
CA GLU A 122 -7.87 -21.70 21.70
C GLU A 122 -7.15 -22.96 21.24
N ARG A 123 -7.89 -24.01 20.94
CA ARG A 123 -7.28 -25.20 20.37
C ARG A 123 -6.72 -24.91 18.98
N LEU A 124 -7.31 -23.94 18.27
CA LEU A 124 -6.75 -23.55 16.97
C LEU A 124 -5.36 -22.96 17.13
N LYS A 125 -5.18 -22.06 18.11
CA LYS A 125 -3.86 -21.50 18.35
C LYS A 125 -2.89 -22.57 18.86
N LYS A 126 -3.39 -23.47 19.72
CA LYS A 126 -2.53 -24.55 20.20
C LYS A 126 -2.08 -25.45 19.07
N ASP A 127 -2.94 -25.67 18.06
CA ASP A 127 -2.57 -26.48 16.92
C ASP A 127 -1.59 -25.72 16.03
N LEU A 128 -1.86 -24.44 15.78
CA LEU A 128 -0.97 -23.61 14.98
C LEU A 128 0.37 -23.36 15.66
N ARG A 129 0.50 -23.69 16.95
CA ARG A 129 1.79 -23.64 17.61
C ARG A 129 2.85 -24.42 16.82
N ALA A 130 2.44 -25.50 16.17
CA ALA A 130 3.34 -26.31 15.36
C ALA A 130 3.55 -25.75 13.97
N SER A 131 3.28 -24.46 13.74
CA SER A 131 3.29 -23.90 12.41
C SER A 131 4.12 -22.63 12.25
N TYR A 132 4.64 -22.04 13.33
CA TYR A 132 5.36 -20.78 13.19
C TYR A 132 6.58 -20.92 12.30
N CYS A 133 7.34 -22.01 12.47
CA CYS A 133 8.70 -22.08 11.94
C CYS A 133 8.76 -21.69 10.46
N LEU A 134 7.87 -22.26 9.64
CA LEU A 134 7.83 -21.87 8.24
C LEU A 134 7.40 -20.41 8.09
N ILE A 135 6.53 -19.92 8.97
CA ILE A 135 6.06 -18.54 8.84
C ILE A 135 7.20 -17.56 9.06
N ASP A 136 7.96 -17.71 10.15
CA ASP A 136 9.05 -16.75 10.35
C ASP A 136 10.24 -17.05 9.45
N SER A 137 10.29 -18.25 8.83
CA SER A 137 11.18 -18.42 7.70
C SER A 137 10.75 -17.55 6.52
N PHE A 138 9.44 -17.47 6.30
CA PHE A 138 8.90 -16.62 5.24
C PHE A 138 9.22 -15.16 5.50
N LEU A 139 8.90 -14.69 6.71
CA LEU A 139 8.96 -13.26 7.00
C LEU A 139 10.39 -12.76 7.04
N GLY A 140 11.30 -13.55 7.58
CA GLY A 140 12.69 -13.16 7.61
C GLY A 140 13.35 -13.25 6.24
N ASP A 141 14.64 -12.92 6.22
CA ASP A 141 15.42 -13.00 4.98
C ASP A 141 15.43 -14.42 4.46
N SER A 142 15.14 -14.57 3.17
CA SER A 142 15.03 -15.87 2.53
C SER A 142 15.90 -15.91 1.28
N GLU A 143 16.39 -17.09 0.98
CA GLU A 143 17.26 -17.30 -0.18
C GLU A 143 16.48 -17.61 -1.45
N LEU A 144 15.16 -17.69 -1.37
CA LEU A 144 14.32 -18.00 -2.52
C LEU A 144 13.24 -16.94 -2.65
N ILE A 145 12.80 -16.71 -3.89
CA ILE A 145 11.73 -15.75 -4.17
C ILE A 145 10.44 -16.44 -4.58
N GLY A 146 10.36 -17.77 -4.42
CA GLY A 146 9.17 -18.50 -4.81
C GLY A 146 7.91 -18.01 -4.13
N ASP A 147 8.03 -17.44 -2.92
CA ASP A 147 6.88 -16.84 -2.27
C ASP A 147 6.33 -15.68 -3.08
N LEU A 148 7.22 -14.80 -3.53
CA LEU A 148 6.83 -13.55 -4.18
C LEU A 148 6.32 -13.81 -5.59
N THR A 149 6.98 -14.69 -6.34
CA THR A 149 6.59 -14.97 -7.71
C THR A 149 5.54 -16.06 -7.84
N GLN A 150 5.28 -16.82 -6.77
CA GLN A 150 4.37 -17.95 -6.78
C GLN A 150 4.81 -19.05 -7.74
N CYS A 151 6.10 -19.10 -8.07
CA CYS A 151 6.66 -20.13 -8.94
C CYS A 151 7.69 -20.94 -8.17
N VAL A 152 7.81 -22.22 -8.51
CA VAL A 152 8.75 -23.09 -7.85
C VAL A 152 10.17 -22.68 -8.21
N ASP A 153 11.04 -22.61 -7.19
CA ASP A 153 12.43 -22.21 -7.39
C ASP A 153 13.27 -23.40 -7.87
N CYS A 154 12.90 -23.90 -9.04
CA CYS A 154 13.54 -25.08 -9.60
C CYS A 154 14.99 -24.78 -9.98
N VAL A 155 15.83 -25.80 -9.85
CA VAL A 155 17.23 -25.75 -10.28
C VAL A 155 17.43 -26.84 -11.31
N ILE A 156 17.96 -26.47 -12.48
CA ILE A 156 18.10 -27.42 -13.57
C ILE A 156 19.16 -28.46 -13.20
N PRO A 157 18.85 -29.76 -13.32
CA PRO A 157 19.83 -30.79 -12.97
C PRO A 157 20.98 -30.80 -13.97
N PRO A 158 22.08 -31.49 -13.66
CA PRO A 158 23.25 -31.45 -14.56
C PRO A 158 23.02 -32.17 -15.89
N GLU A 159 21.95 -31.79 -16.59
CA GLU A 159 21.66 -32.26 -17.95
C GLU A 159 21.67 -33.79 -18.03
N GLY A 160 21.09 -34.43 -17.02
CA GLY A 160 21.06 -35.87 -16.98
C GLY A 160 19.69 -36.45 -16.70
N SER A 161 19.16 -37.23 -17.64
CA SER A 161 17.88 -37.89 -17.46
C SER A 161 17.94 -38.97 -16.40
N LEU A 162 19.14 -39.35 -15.95
CA LEU A 162 19.26 -40.37 -14.91
C LEU A 162 18.57 -39.93 -13.62
N LEU A 163 18.57 -38.63 -13.32
CA LEU A 163 17.87 -38.15 -12.12
C LEU A 163 16.38 -38.42 -12.22
N GLN A 164 15.76 -38.05 -13.35
CA GLN A 164 14.34 -38.29 -13.53
C GLN A 164 14.01 -39.78 -13.55
N GLU A 165 14.87 -40.58 -14.19
CA GLU A 165 14.64 -42.02 -14.21
C GLU A 165 14.70 -42.63 -12.81
N ALA A 166 15.69 -42.21 -12.01
CA ALA A 166 15.79 -42.70 -10.65
C ALA A 166 14.59 -42.25 -9.82
N LEU A 167 14.14 -41.02 -10.02
CA LEU A 167 12.96 -40.54 -9.30
C LEU A 167 11.72 -41.34 -9.68
N SER A 168 11.56 -41.65 -10.96
CA SER A 168 10.42 -42.46 -11.39
C SER A 168 10.49 -43.87 -10.78
N GLY A 169 11.69 -44.46 -10.76
CA GLY A 169 11.83 -45.77 -10.15
C GLY A 169 11.52 -45.74 -8.66
N PHE A 170 11.98 -44.70 -7.96
CA PHE A 170 11.65 -44.54 -6.55
C PHE A 170 10.15 -44.41 -6.35
N ALA A 171 9.50 -43.62 -7.21
CA ALA A 171 8.06 -43.44 -7.12
C ALA A 171 7.33 -44.76 -7.30
N GLU A 172 7.74 -45.54 -8.30
CA GLU A 172 7.10 -46.83 -8.54
C GLU A 172 7.33 -47.78 -7.37
N ALA A 173 8.52 -47.74 -6.78
CA ALA A 173 8.80 -48.59 -5.62
C ALA A 173 7.92 -48.20 -4.44
N ALA A 174 7.73 -46.90 -4.22
CA ALA A 174 6.96 -46.42 -3.08
C ALA A 174 5.47 -46.28 -3.37
N GLY A 175 5.05 -46.50 -4.61
CA GLY A 175 3.64 -46.42 -4.94
C GLY A 175 3.03 -45.05 -4.76
N THR A 176 3.77 -44.00 -5.12
CA THR A 176 3.30 -42.63 -5.01
C THR A 176 3.72 -41.86 -6.26
N THR A 177 2.89 -40.91 -6.67
CA THR A 177 3.18 -40.07 -7.83
C THR A 177 3.77 -38.72 -7.45
N PHE A 178 3.99 -38.46 -6.16
CA PHE A 178 4.47 -37.17 -5.68
C PHE A 178 5.81 -37.39 -4.96
N VAL A 179 6.90 -37.26 -5.72
CA VAL A 179 8.25 -37.50 -5.23
C VAL A 179 9.15 -36.39 -5.77
N SER A 180 10.01 -35.85 -4.90
CA SER A 180 10.81 -34.70 -5.31
C SER A 180 12.15 -34.68 -4.62
N LEU A 181 13.21 -34.60 -5.42
CA LEU A 181 14.56 -34.32 -4.93
C LEU A 181 14.72 -32.81 -4.83
N VAL A 182 15.05 -32.32 -3.63
CA VAL A 182 15.14 -30.89 -3.34
C VAL A 182 16.41 -30.62 -2.54
N VAL A 183 17.16 -29.61 -2.94
CA VAL A 183 18.36 -29.19 -2.21
C VAL A 183 18.13 -27.76 -1.70
N SER A 184 18.32 -27.58 -0.40
CA SER A 184 18.26 -26.25 0.23
C SER A 184 16.99 -25.49 -0.16
N GLY A 185 15.89 -26.23 -0.27
CA GLY A 185 14.63 -25.63 -0.66
C GLY A 185 14.48 -25.38 -2.15
N ARG A 186 15.43 -25.81 -2.96
CA ARG A 186 15.35 -25.65 -4.41
C ARG A 186 15.00 -27.00 -5.02
N VAL A 187 13.92 -27.03 -5.81
CA VAL A 187 13.45 -28.28 -6.40
C VAL A 187 14.44 -28.72 -7.46
N VAL A 188 15.14 -29.83 -7.21
CA VAL A 188 16.05 -30.38 -8.20
C VAL A 188 15.28 -31.19 -9.25
N ALA A 189 14.48 -32.14 -8.78
CA ALA A 189 13.75 -32.99 -9.71
C ALA A 189 12.44 -33.41 -9.09
N ALA A 190 11.47 -33.72 -9.95
CA ALA A 190 10.16 -34.15 -9.49
C ALA A 190 9.43 -34.83 -10.65
N THR A 191 8.49 -35.70 -10.29
CA THR A 191 7.67 -36.36 -11.29
C THR A 191 6.64 -35.38 -11.86
N GLU A 192 5.95 -35.82 -12.92
CA GLU A 192 4.95 -34.98 -13.55
C GLU A 192 3.83 -34.60 -12.59
N GLY A 193 3.46 -35.52 -11.70
CA GLY A 193 2.43 -35.21 -10.72
C GLY A 193 2.83 -34.06 -9.81
N TRP A 194 4.07 -34.05 -9.35
CA TRP A 194 4.55 -32.93 -8.54
C TRP A 194 4.59 -31.65 -9.37
N TRP A 195 4.95 -31.75 -10.65
CA TRP A 195 4.92 -30.58 -11.50
C TRP A 195 3.52 -30.02 -11.66
N ARG A 196 2.53 -30.91 -11.81
CA ARG A 196 1.14 -30.50 -11.97
C ARG A 196 0.49 -30.13 -10.64
N LEU A 197 1.27 -29.99 -9.58
CA LEU A 197 0.72 -29.71 -8.27
C LEU A 197 0.18 -28.27 -8.21
N GLY A 198 -0.70 -28.02 -7.25
CA GLY A 198 -1.34 -26.72 -7.15
C GLY A 198 -0.36 -25.60 -6.89
N THR A 199 -0.78 -24.39 -7.25
CA THR A 199 0.13 -23.25 -7.28
C THR A 199 0.74 -22.93 -5.92
N PRO A 200 0.00 -22.83 -4.81
CA PRO A 200 0.68 -22.43 -3.56
C PRO A 200 1.53 -23.54 -2.95
N GLU A 201 1.01 -24.76 -2.90
CA GLU A 201 1.76 -25.81 -2.23
C GLU A 201 2.96 -26.31 -3.03
N ALA A 202 2.93 -26.14 -4.36
CA ALA A 202 4.08 -26.54 -5.17
C ALA A 202 5.34 -25.79 -4.76
N VAL A 203 5.20 -24.53 -4.34
CA VAL A 203 6.33 -23.79 -3.79
C VAL A 203 6.38 -23.87 -2.28
N LEU A 204 5.28 -24.24 -1.62
CA LEU A 204 5.28 -24.31 -0.16
C LEU A 204 6.07 -25.51 0.33
N LEU A 205 5.85 -26.68 -0.28
CA LEU A 205 6.45 -27.91 0.24
C LEU A 205 7.97 -27.88 0.25
N PRO A 206 8.66 -27.57 -0.86
CA PRO A 206 10.13 -27.48 -0.77
C PRO A 206 10.58 -26.43 0.23
N TRP A 207 9.87 -25.30 0.29
CA TRP A 207 10.16 -24.29 1.29
C TRP A 207 9.90 -24.81 2.70
N LEU A 208 8.80 -25.56 2.88
CA LEU A 208 8.51 -26.13 4.19
C LEU A 208 9.67 -27.01 4.65
N VAL A 209 10.17 -27.87 3.76
CA VAL A 209 11.25 -28.77 4.15
C VAL A 209 12.54 -27.99 4.38
N GLY A 210 12.80 -26.97 3.56
CA GLY A 210 13.97 -26.14 3.80
C GLY A 210 13.94 -25.46 5.15
N SER A 211 12.76 -25.02 5.57
CA SER A 211 12.63 -24.38 6.88
C SER A 211 12.64 -25.38 8.02
N LEU A 212 12.43 -26.66 7.76
CA LEU A 212 12.40 -27.64 8.82
C LEU A 212 13.81 -27.94 9.31
N PRO A 213 13.96 -28.31 10.59
CA PRO A 213 15.29 -28.67 11.09
C PRO A 213 15.82 -29.89 10.37
N PRO A 214 17.14 -29.97 10.19
CA PRO A 214 17.72 -31.11 9.45
C PRO A 214 17.68 -32.38 10.29
N GLN A 215 16.95 -33.38 9.79
CA GLN A 215 16.89 -34.69 10.41
C GLN A 215 17.01 -35.76 9.34
N THR A 216 17.48 -36.94 9.75
CA THR A 216 17.65 -38.03 8.80
C THR A 216 16.32 -38.45 8.17
N ALA A 217 15.27 -38.55 9.00
CA ALA A 217 13.95 -38.91 8.52
C ALA A 217 12.90 -38.13 9.31
N ARG A 218 11.84 -37.73 8.61
CA ARG A 218 10.76 -36.98 9.23
C ARG A 218 9.44 -37.35 8.57
N ASP A 219 8.38 -37.41 9.36
CA ASP A 219 7.03 -37.72 8.88
C ASP A 219 6.10 -36.63 9.35
N TYR A 220 5.55 -35.85 8.43
CA TYR A 220 4.66 -34.77 8.84
C TYR A 220 3.37 -34.81 8.04
N PRO A 221 2.23 -34.50 8.65
CA PRO A 221 0.97 -34.42 7.90
C PRO A 221 0.75 -33.03 7.33
N VAL A 222 0.23 -32.99 6.11
CA VAL A 222 -0.08 -31.74 5.42
C VAL A 222 -1.42 -31.91 4.70
N TYR A 223 -1.95 -30.79 4.22
CA TYR A 223 -3.18 -30.77 3.45
C TYR A 223 -2.93 -29.98 2.18
N LEU A 224 -3.40 -30.50 1.05
CA LEU A 224 -3.11 -29.86 -0.23
C LEU A 224 -4.11 -28.74 -0.50
N PRO A 225 -3.67 -27.48 -0.58
CA PRO A 225 -4.62 -26.41 -0.89
C PRO A 225 -5.32 -26.60 -2.22
N HIS A 226 -4.70 -27.33 -3.15
CA HIS A 226 -5.34 -27.73 -4.39
C HIS A 226 -5.52 -29.24 -4.39
N GLY A 227 -6.75 -29.68 -4.63
CA GLY A 227 -7.04 -31.10 -4.70
C GLY A 227 -7.55 -31.71 -3.41
N SER A 228 -6.75 -31.63 -2.34
CA SER A 228 -7.09 -32.26 -1.05
C SER A 228 -6.91 -31.26 0.09
N PRO A 229 -7.79 -30.26 0.17
CA PRO A 229 -7.70 -29.31 1.30
C PRO A 229 -8.00 -29.96 2.65
N THR A 230 -8.69 -31.09 2.68
CA THR A 230 -9.05 -31.75 3.92
C THR A 230 -8.35 -33.10 4.11
N VAL A 231 -8.02 -33.80 3.04
CA VAL A 231 -7.37 -35.11 3.13
C VAL A 231 -5.98 -34.94 3.71
N PRO A 232 -5.65 -35.59 4.82
CA PRO A 232 -4.33 -35.41 5.43
C PRO A 232 -3.24 -36.21 4.75
N HIS A 233 -2.65 -35.66 3.70
CA HIS A 233 -1.56 -36.35 3.01
C HIS A 233 -0.31 -36.35 3.89
N ARG A 234 0.31 -37.51 4.04
CA ARG A 234 1.53 -37.61 4.82
C ARG A 234 2.74 -37.39 3.92
N LEU A 235 3.67 -36.58 4.40
CA LEU A 235 4.90 -36.27 3.69
C LEU A 235 6.07 -36.84 4.46
N LEU A 236 6.86 -37.67 3.80
CA LEU A 236 8.08 -38.25 4.36
C LEU A 236 9.28 -37.54 3.75
N THR A 237 10.15 -37.02 4.61
CA THR A 237 11.34 -36.30 4.22
C THR A 237 12.55 -37.11 4.66
N LEU A 238 13.44 -37.41 3.72
CA LEU A 238 14.67 -38.14 4.03
C LEU A 238 15.86 -37.33 3.53
N THR A 239 16.79 -37.03 4.44
CA THR A 239 17.98 -36.25 4.13
C THR A 239 19.17 -37.22 4.02
N LEU A 240 19.34 -37.78 2.83
CA LEU A 240 20.44 -38.72 2.62
C LEU A 240 21.80 -38.02 2.65
N LEU A 241 21.87 -36.78 2.22
CA LEU A 241 23.09 -36.00 2.15
C LEU A 241 22.86 -34.65 2.79
N PRO A 242 23.91 -33.99 3.27
CA PRO A 242 23.73 -32.66 3.85
C PRO A 242 23.11 -31.70 2.85
N SER A 243 22.11 -30.95 3.32
CA SER A 243 21.34 -29.98 2.53
C SER A 243 20.61 -30.61 1.36
N LEU A 244 20.63 -31.93 1.23
CA LEU A 244 19.91 -32.65 0.19
C LEU A 244 18.77 -33.43 0.83
N GLU A 245 17.62 -33.47 0.16
CA GLU A 245 16.45 -34.08 0.76
C GLU A 245 15.56 -34.65 -0.32
N LEU A 246 14.81 -35.69 0.05
CA LEU A 246 13.82 -36.31 -0.80
C LEU A 246 12.47 -36.24 -0.09
N CYS A 247 11.48 -35.70 -0.80
CA CYS A 247 10.10 -35.60 -0.34
C CYS A 247 9.27 -36.68 -1.02
N LEU A 248 8.41 -37.33 -0.24
CA LEU A 248 7.52 -38.35 -0.79
C LEU A 248 6.15 -38.19 -0.15
N LEU A 249 5.12 -38.04 -0.97
CA LEU A 249 3.77 -37.78 -0.50
C LEU A 249 2.88 -39.01 -0.69
N CYS A 250 2.10 -39.33 0.34
CA CYS A 250 1.11 -40.40 0.24
C CYS A 250 -0.22 -39.94 0.83
N GLY A 251 -1.30 -40.19 0.09
CA GLY A 251 -2.63 -39.83 0.55
C GLY A 251 -3.17 -40.74 1.62
N PRO A 261 18.70 -47.62 4.37
CA PRO A 261 17.53 -48.23 4.99
C PRO A 261 16.58 -48.85 3.97
N GLN A 262 17.13 -49.38 2.89
CA GLN A 262 16.42 -50.09 1.82
C GLN A 262 15.30 -49.27 1.19
N LEU A 263 15.17 -48.01 1.58
CA LEU A 263 14.16 -47.13 1.00
C LEU A 263 14.64 -46.43 -0.26
N LEU A 264 15.94 -46.16 -0.37
CA LEU A 264 16.49 -45.46 -1.52
C LEU A 264 17.75 -46.11 -2.10
N GLU A 265 18.25 -47.19 -1.50
CA GLU A 265 19.52 -47.75 -1.94
C GLU A 265 19.40 -48.55 -3.23
N ARG A 266 18.21 -49.00 -3.60
CA ARG A 266 18.08 -49.76 -4.84
C ARG A 266 17.93 -48.88 -6.07
N TRP A 267 17.81 -47.56 -5.89
CA TRP A 267 17.72 -46.64 -7.02
C TRP A 267 18.78 -45.57 -6.99
N TRP A 268 19.10 -45.02 -5.82
CA TRP A 268 19.97 -43.86 -5.71
C TRP A 268 21.43 -44.22 -5.45
N GLN A 269 21.75 -45.50 -5.31
CA GLN A 269 23.15 -45.89 -5.15
C GLN A 269 24.01 -45.52 -6.35
N PRO A 270 23.63 -45.83 -7.61
CA PRO A 270 24.50 -45.46 -8.73
C PRO A 270 24.50 -43.98 -9.04
N LEU A 271 23.61 -43.19 -8.44
CA LEU A 271 23.51 -41.77 -8.71
C LEU A 271 24.18 -40.91 -7.64
N LEU A 272 25.03 -41.52 -6.80
CA LEU A 272 25.66 -40.75 -5.72
C LEU A 272 26.54 -39.63 -6.27
N ASP A 273 27.26 -39.90 -7.36
CA ASP A 273 28.14 -38.87 -7.93
C ASP A 273 27.37 -37.66 -8.44
N PRO A 274 26.30 -37.78 -9.25
CA PRO A 274 25.56 -36.57 -9.64
C PRO A 274 24.98 -35.82 -8.45
N LEU A 275 24.48 -36.52 -7.43
CA LEU A 275 23.98 -35.84 -6.24
C LEU A 275 25.09 -35.08 -5.52
N ARG A 276 26.32 -35.61 -5.54
CA ARG A 276 27.45 -34.83 -5.06
C ARG A 276 27.58 -33.53 -5.85
N ALA A 277 27.43 -33.61 -7.18
CA ALA A 277 27.47 -32.41 -8.00
C ALA A 277 26.33 -31.46 -7.67
N CYS A 278 25.32 -31.92 -6.95
CA CYS A 278 24.21 -31.08 -6.54
C CYS A 278 24.35 -30.50 -5.13
N LEU A 279 25.42 -30.85 -4.39
CA LEU A 279 25.61 -30.22 -3.09
C LEU A 279 25.87 -28.72 -3.21
N PRO A 280 26.79 -28.24 -4.06
CA PRO A 280 26.93 -26.79 -4.23
C PRO A 280 26.01 -26.18 -5.27
N LEU A 281 25.33 -27.02 -6.06
CA LEU A 281 24.44 -26.53 -7.10
C LEU A 281 23.22 -25.81 -6.57
N GLY A 282 22.89 -25.99 -5.28
CA GLY A 282 21.74 -25.34 -4.70
C GLY A 282 21.86 -23.84 -4.65
N PRO A 283 22.77 -23.33 -3.81
CA PRO A 283 23.01 -21.88 -3.80
C PRO A 283 23.52 -21.35 -5.13
N ARG A 284 24.31 -22.14 -5.85
CA ARG A 284 24.82 -21.76 -7.16
C ARG A 284 23.96 -22.45 -8.22
N ALA A 285 22.79 -21.85 -8.49
CA ALA A 285 21.85 -22.42 -9.43
C ALA A 285 22.42 -22.39 -10.85
N LEU A 286 21.64 -22.92 -11.79
CA LEU A 286 21.98 -23.01 -13.21
C LEU A 286 23.10 -24.03 -13.39
N PRO A 287 23.27 -24.62 -14.58
CA PRO A 287 24.38 -25.56 -14.78
C PRO A 287 25.72 -24.90 -14.48
N SER A 288 26.62 -25.68 -13.87
CA SER A 288 27.90 -25.15 -13.44
C SER A 288 28.70 -24.63 -14.63
N GLY A 289 29.25 -23.43 -14.48
CA GLY A 289 30.00 -22.81 -15.56
C GLY A 289 29.18 -22.57 -16.80
N PHE A 290 27.93 -22.15 -16.64
CA PHE A 290 27.08 -21.88 -17.79
C PHE A 290 27.61 -20.66 -18.56
N PRO A 291 27.55 -20.67 -19.89
CA PRO A 291 27.99 -19.50 -20.65
C PRO A 291 27.04 -18.33 -20.48
N LEU A 292 27.47 -17.32 -19.73
CA LEU A 292 26.66 -16.14 -19.46
C LEU A 292 27.56 -14.92 -19.48
N HIS A 293 26.95 -13.76 -19.72
CA HIS A 293 27.71 -12.52 -19.76
C HIS A 293 28.32 -12.24 -18.39
N THR A 294 29.61 -11.94 -18.38
CA THR A 294 30.32 -11.76 -17.11
C THR A 294 29.84 -10.54 -16.34
N ASP A 295 29.14 -9.62 -16.98
CA ASP A 295 28.62 -8.44 -16.30
C ASP A 295 27.40 -8.74 -15.44
N ILE A 296 26.83 -9.94 -15.55
CA ILE A 296 25.64 -10.29 -14.79
C ILE A 296 26.07 -10.70 -13.39
N LEU A 297 25.53 -10.02 -12.38
CA LEU A 297 25.81 -10.31 -10.99
C LEU A 297 24.66 -11.04 -10.30
N GLY A 298 23.56 -11.30 -11.02
CA GLY A 298 22.44 -12.04 -10.47
C GLY A 298 21.38 -12.27 -11.53
N LEU A 299 20.89 -13.51 -11.63
CA LEU A 299 19.94 -13.89 -12.67
C LEU A 299 18.65 -14.39 -12.03
N LEU A 300 17.54 -14.08 -12.69
CA LEU A 300 16.22 -14.53 -12.22
C LEU A 300 15.32 -14.66 -13.44
N LEU A 301 14.75 -15.85 -13.61
CA LEU A 301 13.96 -16.19 -14.78
C LEU A 301 12.65 -16.84 -14.34
N LEU A 302 11.59 -16.61 -15.11
CA LEU A 302 10.30 -17.23 -14.88
C LEU A 302 9.82 -17.95 -16.14
N HIS A 303 9.07 -19.02 -15.92
CA HIS A 303 8.33 -19.72 -16.95
C HIS A 303 6.88 -19.74 -16.48
N LEU A 304 6.06 -18.84 -17.03
CA LEU A 304 4.72 -18.63 -16.50
C LEU A 304 3.79 -19.80 -16.83
N GLU A 305 3.93 -20.41 -18.00
CA GLU A 305 3.08 -21.54 -18.34
C GLU A 305 3.30 -22.70 -17.37
N LEU A 306 4.55 -22.99 -17.04
CA LEU A 306 4.88 -24.04 -16.10
C LEU A 306 5.08 -23.53 -14.69
N LYS A 307 5.03 -22.21 -14.48
CA LYS A 307 5.18 -21.59 -13.17
C LYS A 307 6.48 -22.04 -12.50
N ARG A 308 7.57 -21.96 -13.25
CA ARG A 308 8.87 -22.42 -12.77
C ARG A 308 9.83 -21.23 -12.67
N CYS A 309 10.44 -21.05 -11.50
CA CYS A 309 11.32 -19.93 -11.22
C CYS A 309 12.74 -20.40 -11.06
N LEU A 310 13.69 -19.59 -11.55
CA LEU A 310 15.11 -19.87 -11.42
C LEU A 310 15.78 -18.61 -10.89
N PHE A 311 16.34 -18.69 -9.68
CA PHE A 311 16.85 -17.51 -8.98
C PHE A 311 18.26 -17.81 -8.50
N THR A 312 19.27 -17.25 -9.16
CA THR A 312 20.66 -17.39 -8.78
C THR A 312 21.24 -16.01 -8.50
N VAL A 313 22.11 -15.94 -7.49
CA VAL A 313 22.66 -14.67 -7.03
C VAL A 313 24.18 -14.64 -7.14
N GLU A 314 24.83 -15.80 -7.28
CA GLU A 314 26.29 -15.87 -7.31
C GLU A 314 26.79 -16.39 -8.66
N PRO A 315 26.60 -15.62 -9.75
CA PRO A 315 27.33 -15.94 -10.99
C PRO A 315 28.68 -15.26 -11.01
N LEU A 316 28.81 -14.18 -10.22
CA LEU A 316 30.05 -13.44 -10.11
C LEU A 316 30.02 -12.74 -8.76
N GLY A 317 30.71 -13.30 -7.77
CA GLY A 317 30.61 -12.83 -6.41
C GLY A 317 31.72 -11.93 -5.91
N ASP A 318 32.74 -11.70 -6.71
CA ASP A 318 33.85 -10.85 -6.28
C ASP A 318 33.47 -9.39 -6.15
N LYS A 319 32.50 -8.93 -6.95
CA LYS A 319 32.09 -7.53 -6.96
C LYS A 319 30.63 -7.45 -6.56
N GLU A 320 30.25 -6.29 -6.01
CA GLU A 320 28.91 -6.06 -5.44
C GLU A 320 28.68 -7.08 -4.33
N PRO A 321 29.35 -6.91 -3.18
CA PRO A 321 29.22 -7.91 -2.10
C PRO A 321 27.85 -7.89 -1.45
N SER A 322 27.69 -8.66 -0.37
CA SER A 322 26.43 -8.78 0.36
C SER A 322 25.35 -9.31 -0.57
N PRO A 323 25.38 -10.60 -0.90
CA PRO A 323 24.41 -11.15 -1.87
C PRO A 323 22.96 -10.97 -1.45
N GLU A 324 22.68 -10.84 -0.16
CA GLU A 324 21.32 -10.51 0.28
C GLU A 324 20.85 -9.18 -0.31
N GLN A 325 21.77 -8.23 -0.48
CA GLN A 325 21.43 -7.00 -1.17
C GLN A 325 20.98 -7.29 -2.60
N ARG A 326 21.71 -8.15 -3.31
CA ARG A 326 21.33 -8.51 -4.66
C ARG A 326 19.95 -9.16 -4.69
N ARG A 327 19.69 -10.04 -3.72
CA ARG A 327 18.38 -10.68 -3.65
C ARG A 327 17.28 -9.65 -3.47
N ARG A 328 17.50 -8.67 -2.59
CA ARG A 328 16.46 -7.68 -2.35
C ARG A 328 16.25 -6.78 -3.57
N LEU A 329 17.33 -6.40 -4.27
CA LEU A 329 17.15 -5.61 -5.47
C LEU A 329 16.40 -6.40 -6.53
N LEU A 330 16.72 -7.68 -6.70
CA LEU A 330 16.01 -8.48 -7.68
C LEU A 330 14.53 -8.63 -7.32
N ARG A 331 14.22 -8.80 -6.03
CA ARG A 331 12.82 -8.92 -5.63
C ARG A 331 12.06 -7.63 -5.89
N ASN A 332 12.64 -6.49 -5.51
CA ASN A 332 11.98 -5.21 -5.76
C ASN A 332 11.81 -4.98 -7.26
N PHE A 333 12.83 -5.29 -8.04
CA PHE A 333 12.74 -5.11 -9.48
C PHE A 333 11.66 -6.00 -10.07
N TYR A 334 11.52 -7.22 -9.56
CA TYR A 334 10.44 -8.09 -10.03
C TYR A 334 9.09 -7.49 -9.69
N THR A 335 8.97 -6.88 -8.51
CA THR A 335 7.71 -6.25 -8.14
C THR A 335 7.35 -5.12 -9.11
N LEU A 336 8.32 -4.27 -9.43
CA LEU A 336 8.06 -3.21 -10.42
C LEU A 336 7.79 -3.78 -11.82
N VAL A 337 8.47 -4.86 -12.19
CA VAL A 337 8.26 -5.45 -13.50
C VAL A 337 6.85 -6.01 -13.60
N THR A 338 6.36 -6.64 -12.54
CA THR A 338 4.98 -7.09 -12.51
C THR A 338 4.02 -5.90 -12.52
N SER A 339 4.40 -4.80 -11.88
CA SER A 339 3.54 -3.61 -11.87
C SER A 339 3.37 -3.05 -13.29
N THR A 340 4.45 -3.01 -14.06
CA THR A 340 4.38 -2.42 -15.40
C THR A 340 3.88 -3.41 -16.45
N HIS A 341 4.45 -4.61 -16.47
CA HIS A 341 4.12 -5.58 -17.51
C HIS A 341 2.66 -6.02 -17.43
N PHE A 342 2.21 -6.39 -16.23
CA PHE A 342 0.86 -6.91 -16.06
C PHE A 342 -0.17 -5.79 -16.08
N PRO A 362 7.43 -9.54 -26.44
CA PRO A 362 7.92 -8.35 -27.14
C PRO A 362 7.83 -7.11 -26.28
N ARG A 363 8.10 -7.26 -24.99
CA ARG A 363 8.15 -6.14 -24.08
C ARG A 363 9.35 -6.29 -23.15
N ALA A 364 9.90 -5.16 -22.71
CA ALA A 364 11.07 -5.16 -21.85
C ALA A 364 11.09 -3.86 -21.08
N CYS A 365 11.78 -3.89 -19.94
CA CYS A 365 11.93 -2.70 -19.11
C CYS A 365 13.22 -2.79 -18.32
N TYR A 366 13.90 -1.66 -18.17
CA TYR A 366 15.16 -1.62 -17.44
C TYR A 366 15.20 -0.43 -16.51
N LEU A 367 16.01 -0.55 -15.47
CA LEU A 367 16.12 0.43 -14.41
C LEU A 367 17.57 0.51 -13.98
N VAL A 368 18.19 1.67 -14.16
CA VAL A 368 19.57 1.90 -13.75
C VAL A 368 19.56 2.73 -12.48
N LEU A 369 20.12 2.21 -11.41
CA LEU A 369 20.10 2.90 -10.14
C LEU A 369 21.54 3.13 -9.66
N GLY A 370 21.67 3.98 -8.66
CA GLY A 370 22.95 4.37 -8.13
C GLY A 370 23.23 5.85 -8.39
N THR A 371 24.46 6.25 -8.06
CA THR A 371 24.87 7.63 -8.25
C THR A 371 25.01 7.94 -9.74
N GLU A 372 24.92 9.24 -10.06
CA GLU A 372 25.06 9.68 -11.44
C GLU A 372 26.47 9.47 -11.97
N GLU A 373 27.45 9.33 -11.10
CA GLU A 373 28.83 9.14 -11.54
C GLU A 373 28.94 7.87 -12.38
N PRO A 374 29.53 7.93 -13.57
CA PRO A 374 29.67 6.72 -14.39
C PRO A 374 30.51 5.66 -13.69
N GLY A 375 30.16 4.41 -13.95
CA GLY A 375 30.79 3.30 -13.27
C GLY A 375 30.25 2.99 -11.90
N THR A 376 29.15 3.64 -11.51
CA THR A 376 28.53 3.43 -10.21
C THR A 376 27.07 3.01 -10.39
N GLY A 377 26.55 2.32 -9.40
CA GLY A 377 25.19 1.82 -9.46
C GLY A 377 25.11 0.45 -10.09
N VAL A 378 23.88 0.02 -10.35
CA VAL A 378 23.60 -1.26 -10.98
C VAL A 378 22.55 -1.06 -12.06
N ARG A 379 22.42 -2.07 -12.93
CA ARG A 379 21.38 -2.12 -13.94
C ARG A 379 20.48 -3.31 -13.68
N LEU A 380 19.18 -3.15 -13.91
CA LEU A 380 18.24 -4.24 -13.81
C LEU A 380 17.45 -4.28 -15.11
N VAL A 381 17.35 -5.47 -15.71
CA VAL A 381 16.68 -5.63 -16.99
C VAL A 381 15.62 -6.70 -16.86
N ALA A 382 14.56 -6.57 -17.65
CA ALA A 382 13.50 -7.57 -17.68
C ALA A 382 12.95 -7.63 -19.10
N LEU A 383 12.69 -8.85 -19.56
CA LEU A 383 12.20 -9.08 -20.91
C LEU A 383 11.19 -10.20 -20.89
N GLN A 384 10.04 -9.97 -21.50
CA GLN A 384 9.03 -11.01 -21.67
C GLN A 384 9.05 -11.46 -23.13
N LEU A 385 9.25 -12.75 -23.34
CA LEU A 385 9.26 -13.32 -24.69
C LEU A 385 8.79 -14.75 -24.61
N GLY A 386 7.67 -15.05 -25.27
CA GLY A 386 7.12 -16.40 -25.22
C GLY A 386 6.71 -16.84 -23.84
N LEU A 387 5.98 -15.98 -23.12
CA LEU A 387 5.57 -16.21 -21.74
C LEU A 387 6.70 -16.84 -20.90
N ARG A 388 7.89 -16.26 -21.04
CA ARG A 388 9.09 -16.70 -20.32
C ARG A 388 9.82 -15.50 -19.75
N ARG A 389 9.08 -14.65 -19.03
CA ARG A 389 9.64 -13.41 -18.48
C ARG A 389 10.92 -13.68 -17.70
N LEU A 390 11.95 -12.91 -18.00
CA LEU A 390 13.29 -13.11 -17.46
C LEU A 390 13.84 -11.79 -16.94
N LEU A 391 14.50 -11.85 -15.78
CA LEU A 391 15.10 -10.69 -15.16
C LEU A 391 16.61 -10.86 -15.08
N LEU A 392 17.31 -9.74 -14.90
CA LEU A 392 18.77 -9.71 -14.91
C LEU A 392 19.25 -8.56 -14.05
N LEU A 393 20.34 -8.80 -13.31
CA LEU A 393 21.04 -7.77 -12.56
C LEU A 393 22.46 -7.67 -13.12
N LEU A 394 22.90 -6.45 -13.40
CA LEU A 394 24.15 -6.25 -14.12
C LEU A 394 24.97 -5.13 -13.50
N SER A 395 26.28 -5.21 -13.71
CA SER A 395 27.19 -4.15 -13.32
C SER A 395 26.94 -2.91 -14.19
N PRO A 396 27.25 -1.72 -13.68
CA PRO A 396 26.93 -0.49 -14.43
C PRO A 396 27.68 -0.36 -15.74
N GLN A 397 28.79 -1.08 -15.91
CA GLN A 397 29.55 -1.01 -17.15
C GLN A 397 28.80 -1.61 -18.34
N SER A 398 27.70 -2.31 -18.11
CA SER A 398 26.97 -2.94 -19.19
C SER A 398 26.39 -1.88 -20.13
N PRO A 399 26.30 -2.18 -21.42
CA PRO A 399 25.79 -1.19 -22.38
C PRO A 399 24.30 -0.98 -22.21
N THR A 400 23.90 0.29 -22.03
CA THR A 400 22.49 0.61 -21.94
C THR A 400 21.77 0.32 -23.25
N HIS A 401 22.41 0.66 -24.38
CA HIS A 401 21.80 0.40 -25.68
C HIS A 401 21.63 -1.10 -25.92
N GLY A 402 22.60 -1.90 -25.49
CA GLY A 402 22.57 -3.33 -25.67
C GLY A 402 21.89 -4.11 -24.57
N LEU A 403 21.20 -3.43 -23.64
CA LEU A 403 20.55 -4.14 -22.54
C LEU A 403 19.49 -5.10 -23.07
N ARG A 404 18.68 -4.65 -24.02
CA ARG A 404 17.68 -5.53 -24.63
C ARG A 404 18.36 -6.61 -25.45
N SER A 405 19.44 -6.27 -26.16
CA SER A 405 20.17 -7.28 -26.92
C SER A 405 20.74 -8.34 -25.99
N LEU A 406 21.31 -7.92 -24.86
CA LEU A 406 21.84 -8.89 -23.90
C LEU A 406 20.73 -9.73 -23.29
N ALA A 407 19.57 -9.11 -23.02
CA ALA A 407 18.44 -9.88 -22.49
C ALA A 407 17.95 -10.91 -23.49
N THR A 408 17.88 -10.55 -24.76
CA THR A 408 17.49 -11.51 -25.79
C THR A 408 18.51 -12.63 -25.90
N HIS A 409 19.80 -12.30 -25.80
CA HIS A 409 20.82 -13.33 -25.84
C HIS A 409 20.69 -14.28 -24.66
N THR A 410 20.45 -13.75 -23.46
CA THR A 410 20.28 -14.60 -22.30
C THR A 410 19.03 -15.46 -22.42
N LEU A 411 17.95 -14.90 -22.96
CA LEU A 411 16.73 -15.69 -23.16
C LEU A 411 16.95 -16.81 -24.15
N HIS A 412 17.69 -16.54 -25.23
CA HIS A 412 17.98 -17.58 -26.20
C HIS A 412 18.93 -18.63 -25.63
N ALA A 413 19.82 -18.22 -24.72
CA ALA A 413 20.71 -19.18 -24.07
C ALA A 413 19.99 -20.01 -23.02
N LEU A 414 18.92 -19.49 -22.44
CA LEU A 414 18.22 -20.17 -21.36
C LEU A 414 17.01 -20.97 -21.83
N THR A 415 16.45 -20.65 -22.99
CA THR A 415 15.29 -21.42 -23.47
C THR A 415 15.57 -22.91 -23.67
N PRO A 416 16.71 -23.36 -24.23
CA PRO A 416 16.91 -24.81 -24.33
C PRO A 416 17.06 -25.49 -22.99
N LEU A 417 17.38 -24.74 -21.94
CA LEU A 417 17.52 -25.34 -20.61
C LEU A 417 16.20 -25.91 -20.11
N LEU A 418 15.11 -25.19 -20.34
CA LEU A 418 13.80 -25.63 -19.86
C LEU A 418 12.68 -25.00 -20.67
N GLY B 317 -16.94 8.39 -14.07
CA GLY B 317 -18.29 8.90 -14.18
C GLY B 317 -18.80 9.46 -12.86
N LEU B 318 -19.99 10.09 -12.92
CA LEU B 318 -20.57 10.68 -11.71
C LEU B 318 -20.93 9.59 -10.70
N ASN B 319 -21.47 8.47 -11.16
CA ASN B 319 -21.87 7.40 -10.26
C ASN B 319 -20.68 6.72 -9.61
N THR B 320 -19.48 6.88 -10.16
CA THR B 320 -18.30 6.23 -9.61
C THR B 320 -17.94 6.85 -8.27
N PRO B 321 -17.63 6.05 -7.26
CA PRO B 321 -17.33 6.62 -5.93
C PRO B 321 -16.14 7.57 -5.96
N HIS B 322 -16.25 8.65 -5.19
CA HIS B 322 -15.24 9.69 -5.06
C HIS B 322 -15.68 10.64 -3.97
N ILE B 323 -14.71 11.21 -3.26
CA ILE B 323 -15.01 12.11 -2.15
C ILE B 323 -13.80 13.00 -1.88
N ILE B 324 -14.06 14.18 -1.32
CA ILE B 324 -13.03 15.02 -0.69
C ILE B 324 -13.64 15.53 0.61
N MET B 325 -12.88 15.45 1.70
CA MET B 325 -13.48 15.64 3.00
C MET B 325 -12.40 16.08 3.99
N TYR B 326 -12.84 16.70 5.08
CA TYR B 326 -11.96 17.50 5.94
C TYR B 326 -12.18 17.21 7.43
N LEU B 327 -12.05 15.94 7.84
CA LEU B 327 -12.44 15.59 9.19
C LEU B 327 -11.55 16.29 10.22
N THR B 328 -12.01 16.25 11.48
CA THR B 328 -11.27 16.80 12.60
C THR B 328 -10.83 15.67 13.52
N LEU B 329 -9.52 15.59 13.76
CA LEU B 329 -9.01 14.60 14.69
C LEU B 329 -9.23 15.07 16.13
N GLN B 330 -8.94 14.18 17.08
CA GLN B 330 -9.08 14.46 18.50
C GLN B 330 -10.48 14.97 18.82
N LEU B 331 -11.48 14.15 18.47
CA LEU B 331 -12.86 14.52 18.68
C LEU B 331 -13.16 14.60 20.18
N ASP B 332 -13.45 15.81 20.66
CA ASP B 332 -13.61 16.08 22.08
C ASP B 332 -14.96 16.73 22.34
N SER B 333 -16.02 16.16 21.76
CA SER B 333 -17.38 16.64 21.94
C SER B 333 -18.29 15.47 22.30
N GLU B 334 -19.30 15.75 23.12
CA GLU B 334 -20.22 14.71 23.54
C GLU B 334 -21.08 14.21 22.38
N THR B 335 -21.45 15.10 21.46
CA THR B 335 -22.22 14.68 20.30
C THR B 335 -21.33 13.91 19.32
N SER B 336 -21.97 13.03 18.54
CA SER B 336 -21.26 12.19 17.58
C SER B 336 -21.98 12.14 16.25
N LYS B 337 -22.64 13.24 15.88
CA LYS B 337 -23.33 13.29 14.60
C LYS B 337 -22.32 13.43 13.46
N GLU B 338 -22.82 13.39 12.23
CA GLU B 338 -21.94 13.51 11.07
C GLU B 338 -21.23 14.85 11.04
N GLU B 339 -21.96 15.93 11.34
CA GLU B 339 -21.35 17.27 11.33
C GLU B 339 -20.37 17.47 12.46
N GLN B 340 -20.35 16.61 13.47
CA GLN B 340 -19.43 16.77 14.58
C GLN B 340 -17.98 16.64 14.13
N GLU B 341 -17.69 15.68 13.26
CA GLU B 341 -16.34 15.47 12.77
C GLU B 341 -16.13 15.91 11.33
N ILE B 342 -17.20 16.05 10.55
CA ILE B 342 -17.07 16.42 9.14
C ILE B 342 -17.20 17.94 9.04
N LEU B 343 -16.08 18.62 8.83
CA LEU B 343 -16.13 20.05 8.57
C LEU B 343 -16.68 20.34 7.19
N TYR B 344 -16.21 19.61 6.18
CA TYR B 344 -16.67 19.80 4.81
C TYR B 344 -16.41 18.53 4.03
N HIS B 345 -17.43 18.04 3.34
CA HIS B 345 -17.32 16.86 2.50
C HIS B 345 -17.99 17.10 1.17
N TYR B 346 -17.32 16.71 0.09
CA TYR B 346 -17.87 16.80 -1.25
C TYR B 346 -17.50 15.53 -2.00
N PRO B 347 -18.41 15.02 -2.85
CA PRO B 347 -19.76 15.50 -3.14
C PRO B 347 -20.78 15.05 -2.10
N MET B 348 -21.77 15.90 -1.81
CA MET B 348 -22.88 15.52 -0.94
C MET B 348 -23.97 14.84 -1.77
N SER B 349 -23.62 13.66 -2.27
CA SER B 349 -24.50 12.90 -3.14
C SER B 349 -24.31 11.42 -2.84
N GLU B 350 -24.82 10.57 -3.73
CA GLU B 350 -24.74 9.13 -3.56
C GLU B 350 -23.41 8.55 -4.03
N ALA B 351 -22.50 9.37 -4.54
CA ALA B 351 -21.18 8.91 -4.94
C ALA B 351 -20.16 9.02 -3.82
N SER B 352 -20.56 9.50 -2.65
CA SER B 352 -19.61 9.66 -1.55
C SER B 352 -20.16 9.21 -0.19
N GLN B 353 -21.40 8.76 -0.11
CA GLN B 353 -21.97 8.39 1.19
C GLN B 353 -21.23 7.22 1.81
N LYS B 354 -20.82 6.26 0.99
CA LYS B 354 -20.09 5.10 1.53
C LYS B 354 -18.78 5.52 2.18
N LEU B 355 -18.00 6.37 1.49
CA LEU B 355 -16.78 6.88 2.11
C LEU B 355 -17.11 7.76 3.31
N LYS B 356 -18.24 8.46 3.28
CA LYS B 356 -18.67 9.20 4.45
C LYS B 356 -18.90 8.27 5.63
N SER B 357 -19.31 7.03 5.37
CA SER B 357 -19.41 6.05 6.45
C SER B 357 -18.04 5.54 6.89
N VAL B 358 -17.15 5.24 5.93
CA VAL B 358 -15.83 4.72 6.24
C VAL B 358 -14.89 5.80 6.78
N ARG B 359 -15.38 7.03 6.93
CA ARG B 359 -14.59 8.09 7.56
C ARG B 359 -14.04 7.66 8.92
N GLY B 360 -14.80 6.87 9.68
CA GLY B 360 -14.29 6.41 10.96
C GLY B 360 -13.09 5.50 10.82
N ILE B 361 -13.14 4.60 9.83
CA ILE B 361 -11.97 3.78 9.51
C ILE B 361 -10.80 4.68 9.17
N PHE B 362 -11.05 5.73 8.40
CA PHE B 362 -9.96 6.63 8.00
C PHE B 362 -9.33 7.29 9.22
N LEU B 363 -10.15 7.78 10.14
CA LEU B 363 -9.62 8.44 11.34
C LEU B 363 -8.83 7.48 12.21
N THR B 364 -9.39 6.29 12.44
CA THR B 364 -8.67 5.30 13.25
C THR B 364 -7.37 4.91 12.59
N LEU B 365 -7.37 4.76 11.27
CA LEU B 365 -6.16 4.40 10.54
C LEU B 365 -5.09 5.48 10.71
N CYS B 366 -5.49 6.74 10.53
CA CYS B 366 -4.53 7.83 10.68
C CYS B 366 -3.94 7.86 12.07
N ASP B 367 -4.78 7.77 13.11
CA ASP B 367 -4.29 7.82 14.47
C ASP B 367 -3.37 6.64 14.77
N MET B 368 -3.77 5.44 14.34
CA MET B 368 -2.98 4.26 14.63
C MET B 368 -1.62 4.34 13.97
N LEU B 369 -1.59 4.67 12.66
CA LEU B 369 -0.32 4.75 11.96
C LEU B 369 0.51 5.92 12.44
N GLU B 370 -0.11 6.96 13.01
CA GLU B 370 0.67 7.97 13.72
C GLU B 370 1.35 7.37 14.93
N ASN B 371 0.64 6.53 15.69
CA ASN B 371 1.21 5.99 16.92
C ASN B 371 2.35 5.02 16.58
N VAL B 372 2.10 4.08 15.68
CA VAL B 372 3.10 3.03 15.44
C VAL B 372 4.25 3.55 14.57
N THR B 373 3.95 4.27 13.50
CA THR B 373 4.97 4.80 12.61
C THR B 373 5.13 6.29 12.84
N GLY B 374 6.39 6.74 12.88
CA GLY B 374 6.66 8.15 13.09
C GLY B 374 6.20 9.05 11.97
N THR B 375 5.84 8.49 10.82
CA THR B 375 5.42 9.26 9.66
C THR B 375 3.90 9.29 9.55
N GLN B 376 3.42 10.16 8.66
CA GLN B 376 2.00 10.28 8.39
C GLN B 376 1.55 9.23 7.39
N VAL B 377 0.24 9.00 7.34
CA VAL B 377 -0.31 8.04 6.40
C VAL B 377 -0.23 8.61 4.99
N THR B 378 0.55 7.96 4.13
CA THR B 378 0.66 8.42 2.75
C THR B 378 -0.66 8.25 2.01
N SER B 379 -1.24 7.06 2.08
CA SER B 379 -2.48 6.76 1.37
C SER B 379 -3.02 5.43 1.87
N SER B 380 -4.08 4.95 1.22
CA SER B 380 -4.71 3.68 1.53
C SER B 380 -5.55 3.26 0.34
N SER B 381 -5.95 1.98 0.33
CA SER B 381 -6.78 1.46 -0.74
C SER B 381 -7.89 0.61 -0.14
N LEU B 382 -9.08 0.74 -0.71
CA LEU B 382 -10.27 0.07 -0.18
C LEU B 382 -11.04 -0.57 -1.33
N LEU B 383 -11.38 -1.84 -1.19
CA LEU B 383 -12.12 -2.55 -2.23
C LEU B 383 -13.61 -2.30 -2.04
N LEU B 384 -14.16 -1.39 -2.83
CA LEU B 384 -15.59 -1.09 -2.82
C LEU B 384 -16.23 -1.73 -4.05
N ASN B 385 -17.24 -2.57 -3.83
CA ASN B 385 -18.04 -3.15 -4.90
C ASN B 385 -17.18 -3.79 -5.98
N GLY B 386 -16.10 -4.44 -5.56
CA GLY B 386 -15.24 -5.18 -6.46
C GLY B 386 -14.15 -4.36 -7.14
N LYS B 387 -14.13 -3.05 -6.96
CA LYS B 387 -13.10 -2.20 -7.52
C LYS B 387 -12.36 -1.46 -6.42
N GLN B 388 -11.06 -1.25 -6.63
CA GLN B 388 -10.24 -0.60 -5.62
C GLN B 388 -10.32 0.91 -5.75
N ILE B 389 -10.53 1.58 -4.63
CA ILE B 389 -10.59 3.03 -4.54
C ILE B 389 -9.41 3.48 -3.70
N HIS B 390 -8.60 4.38 -4.25
CA HIS B 390 -7.45 4.92 -3.54
C HIS B 390 -7.86 6.17 -2.78
N VAL B 391 -7.39 6.26 -1.54
CA VAL B 391 -7.65 7.40 -0.67
C VAL B 391 -6.31 7.99 -0.24
N ALA B 392 -6.17 9.30 -0.41
CA ALA B 392 -4.95 10.01 -0.04
C ALA B 392 -5.21 10.90 1.17
N TYR B 393 -4.21 10.99 2.04
CA TYR B 393 -4.33 11.63 3.34
C TYR B 393 -3.54 12.93 3.38
N TRP B 394 -3.85 13.72 4.41
CA TRP B 394 -2.97 14.82 4.82
C TRP B 394 -3.37 15.22 6.22
N LYS B 395 -2.42 15.16 7.16
CA LYS B 395 -2.69 15.42 8.56
C LYS B 395 -2.10 16.77 8.96
N GLU B 396 -2.96 17.67 9.41
CA GLU B 396 -2.55 18.95 9.98
C GLU B 396 -2.81 18.92 11.49
N SER B 397 -2.59 20.05 12.14
CA SER B 397 -2.89 20.16 13.56
C SER B 397 -4.40 20.13 13.75
N ASP B 398 -4.90 19.04 14.33
CA ASP B 398 -6.29 18.82 14.70
C ASP B 398 -7.20 18.58 13.50
N LYS B 399 -6.70 18.70 12.28
CA LYS B 399 -7.50 18.51 11.08
C LYS B 399 -6.83 17.53 10.16
N LEU B 400 -7.64 16.72 9.47
CA LEU B 400 -7.16 15.78 8.47
C LEU B 400 -7.97 15.95 7.21
N LEU B 401 -7.32 16.36 6.13
CA LEU B 401 -7.94 16.39 4.82
C LEU B 401 -7.69 15.04 4.14
N LEU B 402 -8.68 14.59 3.38
CA LEU B 402 -8.63 13.24 2.83
C LEU B 402 -9.46 13.19 1.56
N ILE B 403 -8.89 12.60 0.51
CA ILE B 403 -9.56 12.49 -0.78
C ILE B 403 -9.62 11.02 -1.16
N GLY B 404 -10.54 10.70 -2.05
CA GLY B 404 -10.71 9.34 -2.51
C GLY B 404 -11.25 9.27 -3.93
N LEU B 405 -10.57 8.53 -4.78
CA LEU B 405 -10.90 8.42 -6.20
C LEU B 405 -10.64 6.98 -6.64
N PRO B 406 -11.33 6.53 -7.69
CA PRO B 406 -11.10 5.17 -8.18
C PRO B 406 -9.69 5.00 -8.71
N ALA B 407 -9.17 3.77 -8.58
CA ALA B 407 -7.82 3.49 -9.05
C ALA B 407 -7.77 3.40 -10.58
N GLU B 408 -8.79 2.76 -11.18
CA GLU B 408 -8.80 2.60 -12.63
C GLU B 408 -8.87 3.93 -13.37
N GLU B 409 -9.41 4.97 -12.74
CA GLU B 409 -9.42 6.31 -13.32
C GLU B 409 -8.29 7.18 -12.80
N VAL B 410 -7.88 6.99 -11.55
CA VAL B 410 -6.79 7.78 -10.97
C VAL B 410 -5.82 6.82 -10.26
N PRO B 411 -4.66 6.55 -10.84
CA PRO B 411 -3.67 5.72 -10.14
C PRO B 411 -3.14 6.41 -8.89
N LEU B 412 -2.59 5.60 -7.99
CA LEU B 412 -2.18 6.10 -6.69
C LEU B 412 -1.16 7.24 -6.75
N PRO B 413 -0.05 7.14 -7.49
CA PRO B 413 0.88 8.28 -7.54
C PRO B 413 0.23 9.54 -8.10
N ARG B 414 -0.63 9.36 -9.11
CA ARG B 414 -1.40 10.49 -9.61
C ARG B 414 -2.28 11.06 -8.51
N LEU B 415 -2.89 10.20 -7.70
CA LEU B 415 -3.75 10.68 -6.61
C LEU B 415 -2.94 11.49 -5.60
N ARG B 416 -1.75 11.02 -5.24
CA ARG B 416 -0.92 11.76 -4.29
C ARG B 416 -0.52 13.11 -4.86
N ASN B 417 -0.17 13.15 -6.15
CA ASN B 417 0.17 14.42 -6.78
C ASN B 417 -1.02 15.36 -6.82
N MET B 418 -2.21 14.84 -7.12
CA MET B 418 -3.41 15.68 -7.11
C MET B 418 -3.70 16.21 -5.71
N ILE B 419 -3.47 15.39 -4.68
CA ILE B 419 -3.71 15.86 -3.32
C ILE B 419 -2.75 16.99 -2.95
N GLU B 420 -1.46 16.81 -3.25
CA GLU B 420 -0.51 17.85 -2.91
C GLU B 420 -0.80 19.13 -3.69
N ASN B 421 -1.16 18.99 -4.98
CA ASN B 421 -1.49 20.15 -5.79
C ASN B 421 -2.74 20.85 -5.28
N VAL B 422 -3.76 20.08 -4.88
CA VAL B 422 -5.00 20.70 -4.43
C VAL B 422 -4.80 21.38 -3.09
N ILE B 423 -3.94 20.84 -2.22
CA ILE B 423 -3.67 21.50 -0.96
C ILE B 423 -2.87 22.78 -1.19
N GLN B 424 -1.91 22.75 -2.11
CA GLN B 424 -1.20 23.98 -2.47
C GLN B 424 -2.15 25.02 -3.04
N THR B 425 -3.09 24.59 -3.89
CA THR B 425 -4.07 25.52 -4.45
C THR B 425 -4.96 26.11 -3.36
N LEU B 426 -5.42 25.28 -2.43
CA LEU B 426 -6.29 25.79 -1.37
C LEU B 426 -5.54 26.76 -0.48
N LYS B 427 -4.30 26.45 -0.12
CA LYS B 427 -3.50 27.41 0.63
C LYS B 427 -3.29 28.69 -0.17
N PHE B 428 -3.19 28.57 -1.50
CA PHE B 428 -3.14 29.75 -2.35
C PHE B 428 -4.45 30.52 -2.32
N MET B 429 -5.56 29.85 -2.01
CA MET B 429 -6.86 30.51 -2.03
C MET B 429 -7.08 31.35 -0.77
N TYR B 430 -7.13 30.71 0.40
CA TYR B 430 -7.45 31.39 1.66
C TYR B 430 -6.53 30.85 2.75
N GLY B 431 -5.44 31.58 3.01
CA GLY B 431 -4.49 31.27 4.07
C GLY B 431 -4.19 29.79 4.21
N SER B 432 -4.17 29.30 5.43
CA SER B 432 -4.10 27.86 5.65
C SER B 432 -5.46 27.24 5.33
N LEU B 433 -5.43 25.98 4.89
CA LEU B 433 -6.67 25.30 4.52
C LEU B 433 -7.61 25.15 5.69
N ASP B 434 -7.10 25.25 6.93
CA ASP B 434 -7.98 25.30 8.08
C ASP B 434 -8.96 26.47 7.97
N SER B 435 -8.45 27.65 7.63
CA SER B 435 -9.32 28.80 7.38
C SER B 435 -10.08 28.65 6.06
N ALA B 436 -9.65 27.74 5.19
CA ALA B 436 -10.40 27.50 3.96
C ALA B 436 -11.68 26.74 4.24
N PHE B 437 -11.61 25.70 5.08
CA PHE B 437 -12.77 24.85 5.31
C PHE B 437 -13.59 25.27 6.51
N CYS B 438 -12.98 25.94 7.50
CA CYS B 438 -13.72 26.29 8.71
C CYS B 438 -14.84 27.28 8.41
N GLN B 439 -14.59 28.25 7.54
CA GLN B 439 -15.59 29.24 7.22
C GLN B 439 -16.75 28.62 6.45
N ILE B 440 -17.87 29.35 6.40
CA ILE B 440 -19.07 28.87 5.76
C ILE B 440 -19.39 29.64 4.48
N GLU B 441 -19.02 30.91 4.39
CA GLU B 441 -19.33 31.70 3.20
C GLU B 441 -18.61 31.18 1.96
N ASN B 442 -17.49 30.46 2.13
CA ASN B 442 -16.74 29.91 1.02
C ASN B 442 -17.20 28.52 0.62
N VAL B 443 -18.22 27.97 1.31
CA VAL B 443 -18.71 26.64 0.95
C VAL B 443 -19.23 26.56 -0.47
N PRO B 444 -20.05 27.50 -0.96
CA PRO B 444 -20.51 27.37 -2.36
C PRO B 444 -19.39 27.41 -3.39
N ARG B 445 -18.44 28.33 -3.23
CA ARG B 445 -17.35 28.40 -4.20
C ARG B 445 -16.38 27.24 -4.03
N LEU B 446 -16.23 26.73 -2.80
CA LEU B 446 -15.45 25.51 -2.61
C LEU B 446 -16.11 24.33 -3.31
N ASP B 447 -17.44 24.25 -3.23
CA ASP B 447 -18.15 23.21 -3.95
C ASP B 447 -17.97 23.35 -5.45
N HIS B 448 -18.00 24.58 -5.96
CA HIS B 448 -17.78 24.80 -7.38
C HIS B 448 -16.37 24.36 -7.79
N PHE B 449 -15.37 24.73 -6.99
CA PHE B 449 -14.00 24.35 -7.30
C PHE B 449 -13.83 22.84 -7.27
N PHE B 450 -14.41 22.18 -6.27
CA PHE B 450 -14.25 20.72 -6.18
C PHE B 450 -15.06 20.01 -7.24
N ASN B 451 -16.16 20.60 -7.70
CA ASN B 451 -16.87 20.06 -8.85
C ASN B 451 -15.99 20.12 -10.09
N LEU B 452 -15.30 21.24 -10.31
CA LEU B 452 -14.33 21.30 -11.38
C LEU B 452 -13.24 20.25 -11.21
N PHE B 453 -12.75 20.12 -9.97
CA PHE B 453 -11.70 19.15 -9.65
C PHE B 453 -12.12 17.74 -10.05
N PHE B 454 -13.30 17.31 -9.60
CA PHE B 454 -13.74 15.95 -9.85
C PHE B 454 -14.11 15.73 -11.31
N GLN B 455 -14.75 16.73 -11.94
CA GLN B 455 -15.08 16.58 -13.35
C GLN B 455 -13.83 16.52 -14.23
N ARG B 456 -12.75 17.18 -13.80
CA ARG B 456 -11.50 17.07 -14.52
C ARG B 456 -10.82 15.73 -14.27
N ALA B 457 -10.86 15.26 -13.02
CA ALA B 457 -10.21 13.98 -12.69
C ALA B 457 -10.92 12.81 -13.37
N LEU B 458 -12.24 12.86 -13.47
CA LEU B 458 -13.03 11.74 -13.97
C LEU B 458 -13.44 11.89 -15.43
N GLN B 459 -13.76 13.11 -15.87
CA GLN B 459 -14.23 13.35 -17.24
C GLN B 459 -13.39 14.45 -17.87
N PRO B 460 -12.12 14.16 -18.19
CA PRO B 460 -11.27 15.19 -18.81
C PRO B 460 -11.76 15.66 -20.17
N ALA B 461 -12.55 14.85 -20.87
CA ALA B 461 -13.00 15.18 -22.22
C ALA B 461 -14.20 16.13 -22.15
N LYS B 462 -13.90 17.38 -21.82
CA LYS B 462 -14.91 18.43 -21.77
C LYS B 462 -14.31 19.80 -22.08
N ALA B 471 -7.16 19.61 -31.95
CA ALA B 471 -6.96 20.09 -30.59
C ALA B 471 -7.79 19.30 -29.59
N GLN B 472 -8.63 18.41 -30.11
CA GLN B 472 -9.57 17.66 -29.29
C GLN B 472 -8.88 16.44 -28.67
N GLN B 473 -9.07 16.28 -27.36
CA GLN B 473 -8.72 15.10 -26.57
C GLN B 473 -7.22 14.87 -26.47
N TYR B 474 -6.43 15.67 -27.17
CA TYR B 474 -4.98 15.54 -27.06
C TYR B 474 -4.47 16.13 -25.74
N ASP B 475 -4.99 17.30 -25.36
CA ASP B 475 -4.65 17.87 -24.06
C ASP B 475 -5.14 16.97 -22.93
N ALA B 476 -6.35 16.43 -23.07
CA ALA B 476 -6.88 15.54 -22.04
C ALA B 476 -6.02 14.30 -21.91
N SER B 477 -5.61 13.71 -23.03
CA SER B 477 -4.74 12.54 -22.97
C SER B 477 -3.40 12.87 -22.35
N SER B 478 -2.80 14.01 -22.72
CA SER B 478 -1.51 14.40 -22.17
C SER B 478 -1.61 14.79 -20.71
N ALA B 479 -2.81 15.11 -20.22
CA ALA B 479 -2.95 15.54 -18.84
C ALA B 479 -2.45 14.48 -17.87
N VAL B 480 -2.85 13.22 -18.06
CA VAL B 480 -2.61 12.14 -17.12
C VAL B 480 -1.13 12.09 -16.71
N LEU B 481 -0.27 12.71 -17.51
CA LEU B 481 1.13 12.88 -17.15
C LEU B 481 1.50 14.32 -16.83
N LEU B 482 1.02 15.29 -17.62
CA LEU B 482 1.56 16.65 -17.53
C LEU B 482 1.28 17.30 -16.19
N ASP B 483 0.12 17.04 -15.59
CA ASP B 483 -0.15 17.60 -14.25
C ASP B 483 0.86 17.10 -13.23
N ASN B 484 1.39 15.88 -13.42
CA ASN B 484 2.32 15.32 -12.46
C ASN B 484 3.60 16.17 -12.36
N LEU B 485 4.14 16.57 -13.50
CA LEU B 485 5.36 17.36 -13.44
C LEU B 485 5.04 18.79 -13.05
N PRO B 486 5.87 19.42 -12.22
CA PRO B 486 5.75 20.86 -11.99
C PRO B 486 6.16 21.64 -13.23
N GLY B 487 5.61 22.84 -13.34
CA GLY B 487 5.93 23.72 -14.44
C GLY B 487 4.79 23.84 -15.45
N VAL B 488 5.07 24.61 -16.50
CA VAL B 488 4.10 24.88 -17.55
C VAL B 488 4.74 24.49 -18.87
N ARG B 489 3.90 24.31 -19.89
CA ARG B 489 4.42 23.94 -21.20
C ARG B 489 5.15 25.13 -21.79
N TRP B 490 6.47 25.17 -21.58
CA TRP B 490 7.29 26.28 -22.01
C TRP B 490 7.51 26.22 -23.52
N LEU B 491 7.33 27.35 -24.19
CA LEU B 491 7.49 27.42 -25.63
C LEU B 491 8.86 28.00 -25.96
N THR B 492 9.64 27.26 -26.74
CA THR B 492 10.95 27.74 -27.14
C THR B 492 10.81 29.03 -27.96
N LEU B 493 11.62 30.02 -27.61
CA LEU B 493 11.46 31.35 -28.19
C LEU B 493 12.77 31.85 -28.78
N PRO B 494 12.70 32.60 -29.87
CA PRO B 494 13.90 33.25 -30.40
C PRO B 494 14.39 34.33 -29.45
N LEU B 495 15.59 34.83 -29.75
CA LEU B 495 16.19 35.86 -28.91
C LEU B 495 15.37 37.15 -28.95
N GLU B 496 14.93 37.57 -30.14
CA GLU B 496 14.27 38.85 -30.27
C GLU B 496 12.89 38.86 -29.61
N ILE B 497 12.10 37.80 -29.81
CA ILE B 497 10.77 37.73 -29.22
C ILE B 497 10.88 37.70 -27.70
N LYS B 498 11.80 36.88 -27.18
CA LYS B 498 11.98 36.83 -25.73
C LYS B 498 12.44 38.17 -25.19
N MET B 499 13.34 38.84 -25.90
CA MET B 499 13.83 40.13 -25.42
C MET B 499 12.72 41.17 -25.39
N GLU B 500 11.91 41.23 -26.45
CA GLU B 500 10.84 42.23 -26.48
C GLU B 500 9.76 41.92 -25.46
N LEU B 501 9.46 40.63 -25.25
CA LEU B 501 8.49 40.26 -24.21
C LEU B 501 9.01 40.61 -22.83
N ASP B 502 10.31 40.37 -22.58
CA ASP B 502 10.90 40.74 -21.31
C ASP B 502 10.83 42.26 -21.10
N MET B 503 11.13 43.02 -22.15
CA MET B 503 11.06 44.48 -22.04
C MET B 503 9.64 44.94 -21.76
N ALA B 504 8.66 44.34 -22.44
CA ALA B 504 7.27 44.72 -22.21
C ALA B 504 6.82 44.39 -20.79
N LEU B 505 7.20 43.22 -20.30
CA LEU B 505 6.81 42.84 -18.94
C LEU B 505 7.51 43.70 -17.91
N SER B 506 8.77 44.08 -18.15
CA SER B 506 9.45 44.99 -17.24
C SER B 506 8.81 46.37 -17.26
N ASP B 507 8.37 46.82 -18.44
CA ASP B 507 7.63 48.08 -18.52
C ASP B 507 6.32 47.99 -17.74
N LEU B 508 5.65 46.84 -17.81
CA LEU B 508 4.44 46.63 -17.01
C LEU B 508 4.76 46.68 -15.52
N GLU B 509 5.91 46.13 -15.13
CA GLU B 509 6.33 46.24 -13.74
C GLU B 509 6.58 47.70 -13.36
N ALA B 510 7.17 48.47 -14.28
CA ALA B 510 7.44 49.89 -14.07
C ALA B 510 8.26 50.14 -12.81
N LEU B 526 -0.59 51.86 -5.66
CA LEU B 526 -1.02 51.38 -4.35
C LEU B 526 -0.24 50.14 -3.93
N TYR B 527 0.11 49.31 -4.90
CA TYR B 527 0.81 48.07 -4.66
C TYR B 527 2.05 47.99 -5.53
N THR B 528 3.00 47.17 -5.11
CA THR B 528 4.20 46.89 -5.87
C THR B 528 4.06 45.53 -6.57
N ILE B 529 4.80 45.36 -7.65
CA ILE B 529 4.71 44.15 -8.47
C ILE B 529 5.82 43.21 -8.07
N LEU B 530 5.45 42.04 -7.52
CA LEU B 530 6.44 40.99 -7.28
C LEU B 530 6.95 40.43 -8.60
N GLY B 531 6.06 40.22 -9.55
CA GLY B 531 6.45 39.69 -10.84
C GLY B 531 5.22 39.38 -11.67
N SER B 532 5.48 38.88 -12.87
CA SER B 532 4.41 38.58 -13.81
C SER B 532 4.84 37.45 -14.72
N SER B 533 3.85 36.87 -15.40
CA SER B 533 4.06 35.75 -16.30
C SER B 533 3.01 35.79 -17.39
N LEU B 534 3.44 35.68 -18.64
CA LEU B 534 2.57 35.73 -19.80
C LEU B 534 2.53 34.35 -20.45
N PHE B 535 1.31 33.86 -20.67
CA PHE B 535 1.04 32.57 -21.29
C PHE B 535 0.28 32.81 -22.58
N TYR B 536 0.59 32.03 -23.62
CA TYR B 536 -0.04 32.19 -24.92
C TYR B 536 -0.63 30.86 -25.36
N LYS B 537 -1.94 30.84 -25.62
CA LYS B 537 -2.68 29.64 -26.03
C LYS B 537 -2.34 28.46 -25.13
N GLY B 538 -2.35 28.68 -23.83
CA GLY B 538 -2.02 27.65 -22.88
C GLY B 538 -0.55 27.35 -22.75
N TYR B 539 0.30 28.00 -23.54
CA TYR B 539 1.75 27.85 -23.45
C TYR B 539 2.33 29.05 -22.73
N LEU B 540 3.08 28.80 -21.66
CA LEU B 540 3.82 29.87 -21.01
C LEU B 540 4.79 30.48 -22.02
N ILE B 541 4.83 31.82 -22.07
CA ILE B 541 5.64 32.47 -23.08
C ILE B 541 6.76 33.29 -22.43
N CYS B 542 6.52 33.81 -21.23
CA CYS B 542 7.57 34.60 -20.57
C CYS B 542 7.30 34.85 -19.10
N SER B 543 8.25 34.50 -18.23
CA SER B 543 8.05 34.68 -16.80
C SER B 543 9.23 35.38 -16.16
N HIS B 544 8.92 36.31 -15.25
CA HIS B 544 9.89 36.85 -14.31
C HIS B 544 9.57 36.49 -12.87
N LEU B 545 8.40 35.91 -12.63
CA LEU B 545 7.97 35.59 -11.27
C LEU B 545 8.84 34.47 -10.70
N PRO B 546 9.11 34.51 -9.40
CA PRO B 546 9.82 33.39 -8.76
C PRO B 546 9.02 32.11 -8.87
N LYS B 547 9.74 30.98 -8.94
CA LYS B 547 9.08 29.70 -9.17
C LYS B 547 8.14 29.34 -8.04
N ASP B 548 8.49 29.68 -6.80
CA ASP B 548 7.65 29.37 -5.65
C ASP B 548 6.27 29.99 -5.75
N ASP B 549 6.13 31.07 -6.52
CA ASP B 549 4.82 31.64 -6.82
C ASP B 549 4.35 31.35 -8.24
N LEU B 550 5.28 31.12 -9.18
CA LEU B 550 4.88 30.76 -10.54
C LEU B 550 4.14 29.44 -10.56
N ILE B 551 4.58 28.47 -9.77
CA ILE B 551 3.91 27.17 -9.71
C ILE B 551 2.50 27.33 -9.19
N ASP B 552 2.33 28.13 -8.13
CA ASP B 552 0.99 28.37 -7.59
C ASP B 552 0.11 29.07 -8.61
N ILE B 553 0.67 30.06 -9.33
CA ILE B 553 -0.07 30.71 -10.41
C ILE B 553 -0.55 29.67 -11.41
N ALA B 554 0.35 28.79 -11.84
CA ALA B 554 0.03 27.81 -12.87
C ALA B 554 -1.06 26.86 -12.40
N VAL B 555 -0.94 26.34 -11.18
CA VAL B 555 -1.89 25.35 -10.71
C VAL B 555 -3.25 25.99 -10.46
N TYR B 556 -3.28 27.22 -9.93
CA TYR B 556 -4.55 27.91 -9.75
C TYR B 556 -5.22 28.14 -11.09
N CYS B 557 -4.47 28.61 -12.09
CA CYS B 557 -5.06 28.86 -13.39
C CYS B 557 -5.57 27.56 -14.02
N ARG B 558 -4.80 26.49 -13.89
CA ARG B 558 -5.20 25.22 -14.50
C ARG B 558 -6.44 24.65 -13.83
N HIS B 559 -6.53 24.75 -12.50
CA HIS B 559 -7.66 24.14 -11.79
C HIS B 559 -8.99 24.73 -12.23
N TYR B 560 -8.99 25.94 -12.79
CA TYR B 560 -10.19 26.57 -13.31
C TYR B 560 -10.26 26.52 -14.82
N CYS B 561 -9.49 25.63 -15.46
CA CYS B 561 -9.49 25.46 -16.91
C CYS B 561 -9.20 26.77 -17.63
N LEU B 562 -8.22 27.51 -17.12
CA LEU B 562 -7.84 28.79 -17.71
C LEU B 562 -6.71 28.66 -18.73
N LEU B 563 -6.26 27.45 -19.03
CA LEU B 563 -5.21 27.20 -20.03
C LEU B 563 -5.75 26.20 -21.05
N PRO B 564 -6.58 26.65 -21.99
CA PRO B 564 -7.03 25.78 -23.06
C PRO B 564 -6.05 25.78 -24.22
N LEU B 565 -6.33 24.90 -25.19
CA LEU B 565 -5.53 24.80 -26.40
C LEU B 565 -6.39 25.18 -27.60
N ALA B 566 -5.85 26.04 -28.47
CA ALA B 566 -6.55 26.49 -29.67
C ALA B 566 -7.90 27.11 -29.32
N ALA B 567 -7.91 27.95 -28.29
CA ALA B 567 -9.13 28.64 -27.87
C ALA B 567 -9.55 29.70 -28.88
N ILE B 571 -13.84 36.80 -27.10
CA ILE B 571 -13.55 36.01 -25.91
C ILE B 571 -13.98 36.77 -24.65
N GLY B 572 -13.44 37.96 -24.47
CA GLY B 572 -13.75 38.80 -23.34
C GLY B 572 -12.50 39.31 -22.65
N GLN B 573 -12.69 39.86 -21.47
CA GLN B 573 -11.62 40.43 -20.65
C GLN B 573 -11.67 39.80 -19.27
N LEU B 574 -10.96 38.70 -19.08
CA LEU B 574 -10.81 38.11 -17.76
C LEU B 574 -9.98 39.05 -16.90
N ILE B 575 -10.57 39.54 -15.81
CA ILE B 575 -9.96 40.58 -14.98
C ILE B 575 -9.79 40.10 -13.55
N ILE B 576 -9.46 38.81 -13.39
CA ILE B 576 -9.43 38.20 -12.07
C ILE B 576 -8.56 39.03 -11.14
N TRP B 577 -9.11 39.37 -9.97
CA TRP B 577 -8.50 40.36 -9.08
C TRP B 577 -8.83 39.94 -7.66
N ARG B 578 -7.91 39.19 -7.04
CA ARG B 578 -8.25 38.55 -5.77
C ARG B 578 -7.00 38.38 -4.92
N GLU B 579 -7.21 38.23 -3.62
CA GLU B 579 -6.12 38.02 -2.70
C GLU B 579 -5.72 36.54 -2.68
N VAL B 580 -4.41 36.29 -2.68
CA VAL B 580 -3.88 34.93 -2.62
C VAL B 580 -2.77 34.90 -1.57
N PHE B 581 -2.39 33.69 -1.19
CA PHE B 581 -1.43 33.44 -0.11
C PHE B 581 -0.37 32.47 -0.62
N PRO B 582 0.64 32.98 -1.32
CA PRO B 582 1.63 32.12 -1.99
C PRO B 582 2.80 31.67 -1.10
N GLN B 583 2.51 30.69 -0.24
CA GLN B 583 3.48 29.99 0.60
C GLN B 583 4.51 30.92 1.24
N HIS B 584 4.11 32.14 1.58
CA HIS B 584 5.01 33.11 2.19
C HIS B 584 4.32 33.83 3.35
N GLU B 601 3.27 40.64 8.57
CA GLU B 601 2.86 40.11 7.27
C GLU B 601 2.08 41.15 6.48
N GLY B 602 1.75 40.82 5.23
CA GLY B 602 1.02 41.74 4.39
C GLY B 602 0.24 41.00 3.33
N ARG B 603 -0.69 41.73 2.71
CA ARG B 603 -1.53 41.14 1.66
C ARG B 603 -0.69 40.87 0.41
N TYR B 604 -1.13 39.89 -0.36
CA TYR B 604 -0.38 39.36 -1.49
C TYR B 604 -1.28 39.22 -2.71
N PHE B 605 -1.96 40.31 -3.07
CA PHE B 605 -2.99 40.31 -4.09
C PHE B 605 -2.48 39.75 -5.42
N LEU B 606 -3.43 39.45 -6.32
CA LEU B 606 -3.15 38.77 -7.57
C LEU B 606 -4.06 39.31 -8.65
N LEU B 607 -3.48 39.53 -9.84
CA LEU B 607 -4.21 39.97 -11.02
C LEU B 607 -3.99 38.98 -12.15
N VAL B 608 -5.05 38.72 -12.91
CA VAL B 608 -5.00 37.83 -14.06
C VAL B 608 -5.82 38.47 -15.16
N VAL B 609 -5.16 38.85 -16.26
CA VAL B 609 -5.80 39.58 -17.35
C VAL B 609 -5.74 38.72 -18.61
N GLY B 610 -6.89 38.55 -19.25
CA GLY B 610 -6.99 37.72 -20.43
C GLY B 610 -7.48 38.46 -21.66
N LEU B 611 -6.79 38.26 -22.78
CA LEU B 611 -7.14 38.93 -24.03
C LEU B 611 -6.53 38.18 -25.19
N LYS B 612 -7.38 37.61 -26.05
CA LYS B 612 -6.96 37.01 -27.32
C LYS B 612 -5.78 36.06 -27.15
N HIS B 613 -6.04 34.98 -26.40
CA HIS B 613 -5.07 33.92 -26.12
C HIS B 613 -3.88 34.39 -25.29
N TYR B 614 -3.92 35.61 -24.78
CA TYR B 614 -2.88 36.13 -23.90
C TYR B 614 -3.39 36.10 -22.47
N MET B 615 -2.63 35.47 -21.58
CA MET B 615 -2.97 35.41 -20.15
C MET B 615 -1.80 35.97 -19.37
N LEU B 616 -1.98 37.15 -18.79
CA LEU B 616 -0.94 37.81 -18.01
C LEU B 616 -1.32 37.73 -16.54
N CYS B 617 -0.52 37.02 -15.76
CA CYS B 617 -0.74 36.86 -14.32
C CYS B 617 0.35 37.59 -13.57
N VAL B 618 -0.04 38.55 -12.74
CA VAL B 618 0.91 39.40 -12.04
C VAL B 618 0.58 39.41 -10.55
N LEU B 619 1.60 39.23 -9.72
CA LEU B 619 1.43 39.17 -8.28
C LEU B 619 1.83 40.50 -7.65
N LEU B 620 1.07 40.93 -6.65
CA LEU B 620 1.25 42.22 -6.00
C LEU B 620 1.40 42.01 -4.50
N GLU B 621 2.31 42.75 -3.88
CA GLU B 621 2.44 42.77 -2.43
C GLU B 621 1.54 43.86 -1.86
N ALA B 622 1.70 44.16 -0.57
CA ALA B 622 0.96 45.22 0.07
C ALA B 622 1.73 45.70 1.29
N GLY B 623 1.80 47.02 1.45
CA GLY B 623 2.52 47.60 2.56
C GLY B 623 4.02 47.41 2.50
N CYS B 637 -9.58 49.22 -11.52
CA CYS B 637 -9.10 49.42 -12.88
C CYS B 637 -7.82 50.24 -12.89
N VAL B 638 -7.33 50.57 -11.70
CA VAL B 638 -6.09 51.36 -11.60
C VAL B 638 -4.92 50.58 -12.18
N TYR B 639 -4.81 49.30 -11.85
CA TYR B 639 -3.74 48.45 -12.34
C TYR B 639 -4.15 47.62 -13.54
N VAL B 640 -5.31 47.90 -14.14
CA VAL B 640 -5.79 47.15 -15.29
C VAL B 640 -5.64 47.93 -16.60
N ASP B 641 -5.77 49.25 -16.57
CA ASP B 641 -5.70 50.02 -17.82
C ASP B 641 -4.33 49.90 -18.47
N GLN B 642 -3.26 50.00 -17.67
CA GLN B 642 -1.92 49.94 -18.24
C GLN B 642 -1.60 48.55 -18.77
N VAL B 643 -2.08 47.50 -18.09
CA VAL B 643 -1.82 46.16 -18.58
C VAL B 643 -2.64 45.89 -19.84
N LYS B 644 -3.84 46.46 -19.94
CA LYS B 644 -4.62 46.33 -21.18
C LYS B 644 -3.91 47.04 -22.33
N THR B 645 -3.36 48.23 -22.08
CA THR B 645 -2.60 48.93 -23.12
C THR B 645 -1.36 48.14 -23.51
N THR B 646 -0.70 47.51 -22.53
CA THR B 646 0.47 46.69 -22.83
C THR B 646 0.09 45.50 -23.70
N LEU B 647 -1.04 44.85 -23.39
CA LEU B 647 -1.51 43.76 -24.24
C LEU B 647 -1.83 44.25 -25.65
N HIS B 648 -2.46 45.43 -25.75
CA HIS B 648 -2.79 45.97 -27.05
C HIS B 648 -1.54 46.26 -27.87
N GLN B 649 -0.51 46.82 -27.24
CA GLN B 649 0.72 47.12 -27.97
C GLN B 649 1.53 45.85 -28.27
N LEU B 650 1.41 44.83 -27.43
CA LEU B 650 2.05 43.55 -27.70
C LEU B 650 1.30 42.73 -28.74
N ASP B 651 0.05 43.10 -29.04
CA ASP B 651 -0.71 42.41 -30.08
C ASP B 651 -0.02 42.41 -31.44
N GLY B 652 1.08 43.15 -31.60
CA GLY B 652 1.86 43.07 -32.82
C GLY B 652 2.81 41.90 -32.90
N VAL B 653 2.96 41.14 -31.81
CA VAL B 653 3.86 39.99 -31.79
C VAL B 653 3.11 38.67 -31.86
N ASP B 654 1.77 38.70 -31.91
CA ASP B 654 0.99 37.47 -31.96
C ASP B 654 1.26 36.70 -33.25
N SER B 655 1.40 37.42 -34.37
CA SER B 655 1.70 36.74 -35.64
C SER B 655 3.06 36.05 -35.58
N ARG B 656 4.05 36.74 -35.02
CA ARG B 656 5.38 36.13 -34.89
C ARG B 656 5.34 34.91 -33.98
N ILE B 657 4.62 35.01 -32.86
CA ILE B 657 4.57 33.89 -31.93
C ILE B 657 3.77 32.73 -32.52
N ASP B 658 2.79 33.01 -33.38
CA ASP B 658 2.08 31.95 -34.06
C ASP B 658 2.97 31.27 -35.10
N GLU B 659 3.77 32.06 -35.82
CA GLU B 659 4.74 31.48 -36.74
C GLU B 659 5.72 30.58 -36.01
N ARG B 660 6.17 31.03 -34.84
CA ARG B 660 7.04 30.19 -34.02
C ARG B 660 6.32 28.92 -33.57
N LEU B 661 5.05 29.06 -33.17
CA LEU B 661 4.28 27.89 -32.75
C LEU B 661 4.10 26.90 -33.89
N ALA B 662 3.85 27.42 -35.10
CA ALA B 662 3.78 26.56 -36.27
C ALA B 662 5.17 26.08 -36.66
N SER B 663 5.21 25.19 -37.65
CA SER B 663 6.46 24.61 -38.14
C SER B 663 7.26 23.95 -37.03
N ASN B 812 17.60 12.38 -36.10
CA ASN B 812 17.26 11.67 -34.87
C ASN B 812 15.96 10.90 -35.02
N THR B 813 15.79 9.85 -34.23
CA THR B 813 14.58 9.04 -34.21
C THR B 813 13.67 9.39 -33.06
N LEU B 814 13.92 10.51 -32.38
CA LEU B 814 13.15 10.88 -31.21
C LEU B 814 11.73 11.24 -31.62
N PHE B 815 10.74 10.53 -31.08
CA PHE B 815 9.34 10.78 -31.39
C PHE B 815 8.75 11.85 -30.48
N HIS B 816 8.91 11.69 -29.16
CA HIS B 816 8.26 12.59 -28.22
C HIS B 816 9.15 12.80 -27.01
N TYR B 817 9.15 14.02 -26.47
CA TYR B 817 9.99 14.33 -25.31
C TYR B 817 9.28 15.33 -24.41
N VAL B 818 9.37 15.09 -23.10
CA VAL B 818 8.66 15.89 -22.11
C VAL B 818 9.73 16.46 -21.17
N ALA B 819 10.91 16.75 -21.73
CA ALA B 819 12.05 17.28 -20.99
C ALA B 819 11.62 18.35 -19.99
N LEU B 820 12.09 18.21 -18.76
CA LEU B 820 11.65 19.04 -17.64
C LEU B 820 12.85 19.58 -16.88
N GLU B 821 12.70 20.81 -16.37
CA GLU B 821 13.67 21.43 -15.48
C GLU B 821 13.03 21.68 -14.14
N THR B 822 13.84 21.60 -13.08
CA THR B 822 13.32 21.69 -11.72
C THR B 822 13.57 23.05 -11.07
N VAL B 823 14.81 23.55 -11.09
CA VAL B 823 15.13 24.78 -10.38
C VAL B 823 14.35 25.95 -10.96
N GLN B 824 14.40 26.12 -12.29
CA GLN B 824 13.56 27.13 -12.92
C GLN B 824 12.09 26.75 -12.86
N GLY B 825 11.78 25.47 -13.07
CA GLY B 825 10.43 24.99 -12.95
C GLY B 825 9.62 25.08 -14.23
N ILE B 826 10.14 24.51 -15.32
CA ILE B 826 9.41 24.46 -16.59
C ILE B 826 9.72 23.14 -17.27
N PHE B 827 8.83 22.73 -18.15
CA PHE B 827 9.02 21.56 -18.99
C PHE B 827 8.66 21.89 -20.43
N ILE B 828 9.36 21.26 -21.35
CA ILE B 828 9.21 21.50 -22.78
C ILE B 828 8.60 20.26 -23.43
N THR B 829 7.56 20.47 -24.22
CA THR B 829 6.91 19.41 -24.97
C THR B 829 6.67 19.88 -26.39
N PRO B 830 6.64 18.95 -27.36
CA PRO B 830 6.35 19.35 -28.74
C PRO B 830 5.00 20.02 -28.85
N THR B 831 4.92 21.00 -29.75
CA THR B 831 3.69 21.75 -29.94
C THR B 831 2.60 20.87 -30.54
N LEU B 832 1.36 21.36 -30.49
CA LEU B 832 0.24 20.62 -31.06
C LEU B 832 0.44 20.39 -32.55
N GLU B 833 1.02 21.37 -33.25
CA GLU B 833 1.35 21.17 -34.66
C GLU B 833 2.38 20.07 -34.84
N GLU B 834 3.36 20.01 -33.93
CA GLU B 834 4.39 18.97 -34.02
C GLU B 834 3.79 17.59 -33.85
N VAL B 835 2.85 17.42 -32.91
CA VAL B 835 2.23 16.12 -32.72
C VAL B 835 1.19 15.83 -33.79
N ALA B 836 0.68 16.86 -34.47
CA ALA B 836 -0.24 16.63 -35.58
C ALA B 836 0.45 15.92 -36.74
N GLN B 837 1.69 16.31 -37.03
CA GLN B 837 2.45 15.68 -38.11
C GLN B 837 3.19 14.44 -37.60
N ILE B 842 -0.69 5.54 -35.64
CA ILE B 842 -0.55 4.98 -34.30
C ILE B 842 -0.17 6.07 -33.30
N HIS B 843 -0.02 7.28 -33.81
CA HIS B 843 0.32 8.41 -32.95
C HIS B 843 -0.70 8.68 -31.85
N PRO B 844 -2.02 8.69 -32.11
CA PRO B 844 -2.96 8.90 -31.00
C PRO B 844 -2.83 7.86 -29.90
N GLN B 845 -2.55 6.60 -30.26
CA GLN B 845 -2.26 5.60 -29.25
C GLN B 845 -0.89 5.83 -28.63
N LEU B 846 0.07 6.26 -29.45
CA LEU B 846 1.43 6.48 -28.96
C LEU B 846 1.45 7.48 -27.81
N ILE B 847 0.80 8.62 -27.98
CA ILE B 847 0.89 9.68 -26.99
C ILE B 847 0.27 9.23 -25.67
N LYS B 848 -0.93 8.64 -25.73
CA LYS B 848 -1.61 8.27 -24.50
C LYS B 848 -0.89 7.13 -23.79
N ASN B 849 -0.41 6.14 -24.55
CA ASN B 849 0.35 5.05 -23.93
C ASN B 849 1.63 5.56 -23.30
N PHE B 850 2.31 6.49 -23.99
CA PHE B 850 3.55 7.07 -23.47
C PHE B 850 3.30 7.81 -22.16
N HIS B 851 2.24 8.61 -22.13
CA HIS B 851 1.93 9.35 -20.90
C HIS B 851 1.51 8.40 -19.78
N GLN B 852 0.71 7.37 -20.09
CA GLN B 852 0.27 6.44 -19.06
C GLN B 852 1.46 5.71 -18.44
N CYS B 853 2.39 5.26 -19.27
CA CYS B 853 3.56 4.57 -18.72
C CYS B 853 4.49 5.54 -18.01
N CYS B 854 4.63 6.76 -18.53
CA CYS B 854 5.44 7.76 -17.86
C CYS B 854 4.86 8.14 -16.51
N LEU B 855 3.57 7.88 -16.28
CA LEU B 855 3.04 8.05 -14.93
C LEU B 855 3.70 7.09 -13.95
N SER B 856 3.79 5.81 -14.31
CA SER B 856 4.47 4.84 -13.44
C SER B 856 5.96 5.15 -13.32
N ILE B 857 6.58 5.54 -14.43
CA ILE B 857 7.98 5.95 -14.37
C ILE B 857 8.13 7.17 -13.47
N ARG B 858 7.16 8.07 -13.49
CA ARG B 858 7.14 9.21 -12.58
C ARG B 858 7.08 8.74 -11.14
N ALA B 859 6.29 7.72 -10.85
CA ALA B 859 6.26 7.19 -9.49
C ALA B 859 7.63 6.68 -9.08
N VAL B 860 8.26 5.90 -9.95
CA VAL B 860 9.61 5.39 -9.67
C VAL B 860 10.56 6.54 -9.39
N PHE B 861 10.45 7.61 -10.17
CA PHE B 861 11.32 8.77 -9.99
C PHE B 861 10.96 9.60 -8.76
N GLN B 862 9.69 9.70 -8.38
CA GLN B 862 9.40 10.45 -7.16
C GLN B 862 9.86 9.70 -5.93
N GLN B 863 10.02 8.38 -6.01
CA GLN B 863 10.65 7.67 -4.90
C GLN B 863 12.03 8.25 -4.60
N THR B 864 12.91 8.29 -5.61
CA THR B 864 14.23 8.88 -5.38
C THR B 864 14.16 10.39 -5.22
N LEU B 865 13.11 11.04 -5.72
CA LEU B 865 12.96 12.48 -5.52
C LEU B 865 12.71 12.80 -4.05
N VAL B 866 11.80 12.07 -3.40
CA VAL B 866 11.57 12.30 -1.99
C VAL B 866 12.78 11.83 -1.18
N GLU B 867 13.50 10.81 -1.66
CA GLU B 867 14.77 10.45 -1.03
C GLU B 867 15.74 11.63 -1.06
N GLU B 868 15.86 12.30 -2.20
CA GLU B 868 16.74 13.46 -2.31
C GLU B 868 16.25 14.60 -1.43
N LYS B 869 14.94 14.84 -1.38
CA LYS B 869 14.40 15.87 -0.51
C LYS B 869 14.75 15.59 0.95
N LYS B 870 14.70 14.32 1.34
CA LYS B 870 15.19 13.95 2.66
C LYS B 870 16.68 14.26 2.80
N LYS B 871 17.47 13.96 1.77
CA LYS B 871 18.89 14.28 1.80
C LYS B 871 19.12 15.78 1.89
N GLY B 872 18.36 16.56 1.11
CA GLY B 872 18.51 18.00 1.10
C GLY B 872 17.91 18.67 2.31
N VAL B 891 16.76 4.57 -9.82
CA VAL B 891 17.19 5.85 -9.25
C VAL B 891 17.69 6.77 -10.36
N LYS B 892 18.74 6.33 -11.06
CA LYS B 892 19.33 7.19 -12.09
C LYS B 892 18.41 7.35 -13.29
N GLU B 893 17.82 6.24 -13.77
CA GLU B 893 16.95 6.30 -14.93
C GLU B 893 16.08 5.05 -14.97
N HIS B 894 15.31 4.91 -16.05
CA HIS B 894 14.34 3.84 -16.21
C HIS B 894 13.94 3.77 -17.68
N GLY B 895 13.67 2.54 -18.15
CA GLY B 895 13.33 2.35 -19.54
C GLY B 895 12.24 1.30 -19.70
N VAL B 896 11.56 1.37 -20.84
CA VAL B 896 10.40 0.51 -21.10
C VAL B 896 10.34 0.21 -22.58
N LEU B 897 9.92 -1.01 -22.91
CA LEU B 897 9.47 -1.36 -24.24
C LEU B 897 7.96 -1.36 -24.37
N PHE B 898 7.49 -1.02 -25.57
CA PHE B 898 6.10 -1.20 -25.95
C PHE B 898 6.10 -1.74 -27.38
N GLU B 899 5.19 -2.66 -27.66
CA GLU B 899 5.02 -3.18 -29.01
C GLU B 899 3.55 -3.21 -29.38
N CYS B 900 2.77 -2.31 -28.78
CA CYS B 900 1.34 -2.20 -29.08
C CYS B 900 1.17 -1.53 -30.44
N SER B 901 1.56 -2.27 -31.47
CA SER B 901 1.52 -1.78 -32.84
C SER B 901 0.49 -2.56 -33.66
N MET B 915 7.46 -2.15 -34.03
CA MET B 915 7.44 -0.75 -33.63
C MET B 915 7.83 -0.60 -32.16
N ALA B 916 9.13 -0.63 -31.89
CA ALA B 916 9.61 -0.48 -30.53
C ALA B 916 9.45 0.96 -30.06
N TYR B 917 9.55 1.15 -28.74
CA TYR B 917 9.24 2.45 -28.15
C TYR B 917 10.36 3.04 -27.32
N TRP B 918 11.09 2.25 -26.53
CA TRP B 918 12.09 2.78 -25.61
C TRP B 918 11.59 4.00 -24.85
N VAL B 919 10.48 3.88 -24.15
CA VAL B 919 10.08 4.99 -23.30
C VAL B 919 11.10 5.08 -22.18
N VAL B 920 11.89 6.15 -22.17
CA VAL B 920 13.02 6.27 -21.25
C VAL B 920 12.84 7.52 -20.42
N GLY B 921 12.86 7.36 -19.10
CA GLY B 921 12.93 8.47 -18.18
C GLY B 921 14.33 8.54 -17.58
N ARG B 922 14.86 9.76 -17.51
CA ARG B 922 16.21 10.01 -17.03
C ARG B 922 16.18 11.13 -16.01
N LEU B 923 16.95 10.96 -14.94
CA LEU B 923 17.05 11.94 -13.87
C LEU B 923 18.46 12.51 -13.86
N PHE B 924 18.56 13.80 -13.53
CA PHE B 924 19.86 14.48 -13.41
C PHE B 924 19.86 15.22 -12.09
N LEU B 925 20.64 14.70 -11.13
CA LEU B 925 20.78 15.27 -9.80
C LEU B 925 22.16 15.87 -9.55
N HIS B 926 23.21 15.23 -10.08
CA HIS B 926 24.55 15.82 -9.97
C HIS B 926 24.63 17.17 -10.67
N PRO B 927 24.13 17.36 -11.91
CA PRO B 927 23.96 18.72 -12.43
C PRO B 927 22.72 19.36 -11.84
N LYS B 928 22.32 20.52 -12.36
CA LYS B 928 21.07 21.12 -11.93
C LYS B 928 19.93 20.10 -12.08
N PRO B 929 19.16 19.86 -11.04
CA PRO B 929 18.18 18.75 -11.09
C PRO B 929 17.19 18.94 -12.23
N GLN B 930 16.94 17.85 -12.95
CA GLN B 930 16.01 17.89 -14.07
C GLN B 930 15.65 16.47 -14.47
N GLU B 931 14.58 16.35 -15.25
CA GLU B 931 14.08 15.06 -15.69
C GLU B 931 13.77 15.11 -17.19
N LEU B 932 13.98 13.98 -17.85
CA LEU B 932 13.78 13.85 -19.28
C LEU B 932 12.99 12.59 -19.56
N TYR B 933 12.09 12.64 -20.54
CA TYR B 933 11.24 11.50 -20.88
C TYR B 933 11.09 11.44 -22.39
N VAL B 934 11.58 10.36 -23.00
CA VAL B 934 11.72 10.28 -24.44
C VAL B 934 11.09 8.99 -24.97
N CYS B 935 10.32 9.13 -26.04
CA CYS B 935 9.86 8.02 -26.86
C CYS B 935 10.51 8.12 -28.23
N PHE B 936 11.12 7.03 -28.68
CA PHE B 936 11.85 7.02 -29.94
C PHE B 936 11.93 5.59 -30.47
N HIS B 937 12.17 5.49 -31.77
CA HIS B 937 12.29 4.17 -32.40
C HIS B 937 13.61 3.52 -32.01
N ASP B 938 13.66 2.20 -32.17
CA ASP B 938 14.81 1.40 -31.74
C ASP B 938 15.87 1.23 -32.82
N SER B 939 15.72 1.89 -33.97
CA SER B 939 16.73 1.78 -35.02
C SER B 939 18.09 2.28 -34.53
N VAL B 940 18.11 3.41 -33.84
CA VAL B 940 19.31 3.95 -33.22
C VAL B 940 18.97 4.33 -31.79
N THR B 941 19.83 3.96 -30.86
CA THR B 941 19.58 4.22 -29.44
C THR B 941 20.70 5.02 -28.80
N ASP C 13 4.40 -18.75 26.14
CA ASP C 13 3.52 -18.13 27.13
C ASP C 13 2.21 -18.88 27.23
N MET C 14 1.65 -19.23 26.08
CA MET C 14 0.37 -19.95 25.97
C MET C 14 -0.73 -19.21 26.72
N GLU C 15 -0.92 -17.95 26.33
CA GLU C 15 -1.95 -17.13 26.96
C GLU C 15 -3.34 -17.65 26.61
N VAL C 16 -4.25 -17.59 27.58
CA VAL C 16 -5.62 -18.02 27.35
C VAL C 16 -6.30 -17.08 26.37
N ALA C 17 -6.02 -15.78 26.46
CA ALA C 17 -6.53 -14.77 25.55
C ALA C 17 -8.06 -14.66 25.63
N ILE C 18 -8.56 -14.49 26.86
CA ILE C 18 -9.98 -14.25 27.05
C ILE C 18 -10.32 -12.84 26.57
N LYS C 19 -11.43 -12.73 25.84
CA LYS C 19 -11.87 -11.48 25.24
C LYS C 19 -13.01 -10.90 26.07
N MET C 20 -12.72 -9.79 26.76
CA MET C 20 -13.75 -8.96 27.35
C MET C 20 -14.44 -8.14 26.27
N VAL C 21 -15.75 -8.05 26.35
CA VAL C 21 -16.50 -7.02 25.65
C VAL C 21 -17.28 -6.23 26.71
N VAL C 22 -17.03 -4.93 26.76
CA VAL C 22 -17.58 -4.07 27.80
C VAL C 22 -18.63 -3.17 27.17
N VAL C 23 -19.82 -3.15 27.75
CA VAL C 23 -20.95 -2.39 27.23
C VAL C 23 -21.45 -1.46 28.32
N GLY C 24 -21.64 -0.19 27.97
CA GLY C 24 -22.19 0.78 28.88
C GLY C 24 -23.14 1.74 28.20
N ASN C 25 -22.93 3.04 28.40
CA ASN C 25 -23.71 4.06 27.72
C ASN C 25 -22.86 5.15 27.08
N GLY C 26 -21.56 5.23 27.39
CA GLY C 26 -20.70 6.23 26.84
C GLY C 26 -20.61 7.52 27.65
N ALA C 27 -21.54 7.75 28.57
CA ALA C 27 -21.53 8.93 29.42
C ALA C 27 -21.44 8.57 30.90
N VAL C 28 -21.02 7.35 31.22
CA VAL C 28 -20.92 6.90 32.60
C VAL C 28 -19.50 6.93 33.13
N GLY C 29 -18.54 7.34 32.32
CA GLY C 29 -17.16 7.31 32.77
C GLY C 29 -16.55 5.94 32.84
N LYS C 30 -17.08 4.98 32.08
CA LYS C 30 -16.48 3.64 32.04
C LYS C 30 -15.05 3.71 31.52
N SER C 31 -14.80 4.56 30.52
CA SER C 31 -13.45 4.74 30.03
C SER C 31 -12.51 5.12 31.16
N SER C 32 -12.98 5.95 32.11
CA SER C 32 -12.14 6.35 33.22
C SER C 32 -11.73 5.16 34.08
N MET C 33 -12.69 4.32 34.46
CA MET C 33 -12.36 3.18 35.30
C MET C 33 -11.47 2.18 34.57
N ILE C 34 -11.69 2.00 33.27
CA ILE C 34 -10.86 1.06 32.52
C ILE C 34 -9.44 1.59 32.36
N GLN C 35 -9.29 2.88 32.11
CA GLN C 35 -7.96 3.48 32.05
C GLN C 35 -7.27 3.37 33.41
N ARG C 36 -8.02 3.56 34.49
CA ARG C 36 -7.45 3.39 35.83
C ARG C 36 -7.00 1.95 36.04
N TYR C 37 -7.74 0.98 35.48
CA TYR C 37 -7.33 -0.42 35.61
C TYR C 37 -6.06 -0.69 34.83
N CYS C 38 -6.11 -0.53 33.52
CA CYS C 38 -5.00 -0.89 32.65
C CYS C 38 -4.33 0.38 32.10
N LYS C 39 -3.02 0.46 32.27
CA LYS C 39 -2.23 1.58 31.79
C LYS C 39 -1.64 1.24 30.42
N GLY C 40 -0.84 2.16 29.89
CA GLY C 40 -0.21 1.93 28.60
C GLY C 40 -1.19 2.03 27.44
N ILE C 41 -1.55 0.88 26.87
CA ILE C 41 -2.49 0.83 25.75
C ILE C 41 -3.81 1.45 26.18
N PHE C 42 -4.21 2.54 25.51
CA PHE C 42 -5.50 3.16 25.75
C PHE C 42 -6.40 3.13 24.52
N THR C 43 -5.94 3.69 23.39
CA THR C 43 -6.74 3.81 22.18
C THR C 43 -8.11 4.41 22.48
N LYS C 44 -8.10 5.49 23.26
CA LYS C 44 -9.34 6.08 23.75
C LYS C 44 -10.10 6.87 22.69
N ASP C 45 -9.42 7.33 21.64
CA ASP C 45 -10.03 8.22 20.66
C ASP C 45 -10.64 7.47 19.48
N TYR C 46 -11.04 6.21 19.66
CA TYR C 46 -11.64 5.44 18.58
C TYR C 46 -13.12 5.15 18.78
N LYS C 47 -13.64 5.34 20.00
CA LYS C 47 -15.05 5.09 20.27
C LYS C 47 -15.96 6.05 19.53
N LYS C 48 -15.45 7.22 19.13
CA LYS C 48 -16.26 8.21 18.44
C LYS C 48 -16.27 8.02 16.93
N THR C 49 -15.35 7.23 16.39
CA THR C 49 -15.25 7.03 14.94
C THR C 49 -15.61 5.62 14.50
N ILE C 50 -15.13 4.60 15.20
CA ILE C 50 -15.49 3.21 14.92
C ILE C 50 -16.56 2.71 15.86
N GLY C 51 -16.35 2.88 17.16
CA GLY C 51 -17.29 2.43 18.17
C GLY C 51 -16.73 1.47 19.19
N VAL C 52 -15.49 1.01 19.03
CA VAL C 52 -14.88 0.09 19.98
C VAL C 52 -13.45 0.52 20.28
N ASP C 53 -13.07 0.34 21.55
CA ASP C 53 -11.74 0.65 22.04
C ASP C 53 -11.08 -0.65 22.51
N PHE C 54 -9.82 -0.85 22.12
CA PHE C 54 -9.12 -2.10 22.37
C PHE C 54 -8.04 -1.87 23.41
N LEU C 55 -8.07 -2.68 24.48
CA LEU C 55 -7.11 -2.55 25.57
C LEU C 55 -6.69 -3.95 26.01
N GLU C 56 -5.58 -4.01 26.75
CA GLU C 56 -5.10 -5.29 27.24
C GLU C 56 -4.44 -5.10 28.60
N ARG C 57 -4.57 -6.12 29.46
CA ARG C 57 -3.94 -6.11 30.77
C ARG C 57 -3.78 -7.55 31.22
N GLN C 58 -2.57 -8.09 31.09
CA GLN C 58 -2.29 -9.44 31.54
C GLN C 58 -2.36 -9.51 33.06
N ILE C 59 -3.04 -10.54 33.57
CA ILE C 59 -3.27 -10.67 35.00
C ILE C 59 -2.97 -12.10 35.43
N GLN C 60 -2.40 -12.25 36.63
CA GLN C 60 -2.03 -13.56 37.16
C GLN C 60 -3.21 -14.11 37.94
N VAL C 61 -3.91 -15.08 37.35
CA VAL C 61 -5.04 -15.74 37.98
C VAL C 61 -4.76 -17.24 38.01
N ASN C 62 -4.62 -17.79 39.22
CA ASN C 62 -4.50 -19.22 39.45
C ASN C 62 -3.47 -19.88 38.52
N ASP C 63 -2.22 -19.43 38.67
CA ASP C 63 -1.06 -20.02 38.01
C ASP C 63 -1.09 -19.70 36.51
N GLU C 64 -2.17 -19.06 36.06
CA GLU C 64 -2.33 -18.72 34.65
C GLU C 64 -2.07 -17.24 34.43
N ASP C 65 -1.21 -16.92 33.47
CA ASP C 65 -0.99 -15.55 33.05
C ASP C 65 -2.04 -15.23 31.99
N VAL C 66 -3.23 -14.87 32.46
CA VAL C 66 -4.38 -14.72 31.57
C VAL C 66 -4.31 -13.36 30.88
N ARG C 67 -4.41 -13.37 29.56
CA ARG C 67 -4.45 -12.15 28.77
C ARG C 67 -5.88 -11.69 28.61
N LEU C 68 -6.10 -10.39 28.81
CA LEU C 68 -7.44 -9.80 28.83
C LEU C 68 -7.58 -8.84 27.67
N MET C 69 -8.31 -9.24 26.63
CA MET C 69 -8.51 -8.40 25.46
C MET C 69 -9.82 -7.64 25.65
N LEU C 70 -9.73 -6.45 26.23
CA LEU C 70 -10.91 -5.63 26.50
C LEU C 70 -11.36 -4.89 25.26
N TRP C 71 -12.64 -4.99 24.94
CA TRP C 71 -13.25 -4.32 23.79
C TRP C 71 -14.38 -3.45 24.33
N ASP C 72 -14.08 -2.19 24.60
CA ASP C 72 -15.11 -1.25 24.99
C ASP C 72 -15.99 -0.91 23.79
N THR C 73 -17.30 -0.81 24.03
CA THR C 73 -18.25 -0.56 22.96
C THR C 73 -18.90 0.80 23.13
N ALA C 74 -19.21 1.43 22.01
CA ALA C 74 -19.84 2.75 22.03
C ALA C 74 -21.31 2.64 22.39
N GLY C 75 -21.72 3.35 23.44
CA GLY C 75 -23.11 3.34 23.84
C GLY C 75 -24.03 4.13 22.94
N GLN C 76 -23.48 4.98 22.07
CA GLN C 76 -24.30 5.75 21.15
C GLN C 76 -24.93 4.84 20.11
N GLU C 77 -26.16 5.19 19.71
CA GLU C 77 -26.86 4.43 18.69
C GLU C 77 -26.23 4.57 17.32
N GLU C 78 -25.32 5.54 17.14
CA GLU C 78 -24.68 5.71 15.84
C GLU C 78 -23.87 4.48 15.45
N PHE C 79 -23.26 3.81 16.42
CA PHE C 79 -22.51 2.59 16.19
C PHE C 79 -23.18 1.48 16.99
N ASP C 80 -24.21 0.87 16.39
CA ASP C 80 -24.90 -0.25 17.01
C ASP C 80 -24.82 -1.51 16.18
N ALA C 81 -25.17 -1.45 14.90
CA ALA C 81 -25.05 -2.61 14.03
C ALA C 81 -23.60 -3.03 13.88
N ILE C 82 -22.69 -2.06 13.73
CA ILE C 82 -21.27 -2.37 13.68
C ILE C 82 -20.81 -2.95 15.01
N THR C 83 -21.36 -2.44 16.12
CA THR C 83 -21.02 -3.00 17.42
C THR C 83 -21.38 -4.47 17.51
N LYS C 84 -22.48 -4.88 16.88
CA LYS C 84 -22.87 -6.29 16.89
C LYS C 84 -21.80 -7.19 16.28
N ALA C 85 -20.94 -6.64 15.43
CA ALA C 85 -19.86 -7.43 14.86
C ALA C 85 -18.79 -7.77 15.90
N TYR C 86 -18.59 -6.89 16.88
CA TYR C 86 -17.52 -7.10 17.86
C TYR C 86 -17.94 -7.99 19.03
N TYR C 87 -19.23 -8.28 19.18
CA TYR C 87 -19.65 -9.13 20.29
C TYR C 87 -19.32 -10.60 20.03
N ARG C 88 -19.46 -11.05 18.79
CA ARG C 88 -19.30 -12.48 18.51
C ARG C 88 -17.88 -12.92 18.80
N GLY C 89 -17.76 -14.08 19.44
CA GLY C 89 -16.48 -14.65 19.80
C GLY C 89 -15.90 -14.12 21.08
N ALA C 90 -16.53 -13.14 21.72
CA ALA C 90 -16.02 -12.60 22.98
C ALA C 90 -16.24 -13.61 24.09
N GLN C 91 -15.15 -13.98 24.77
CA GLN C 91 -15.24 -15.03 25.77
C GLN C 91 -15.95 -14.59 27.03
N ALA C 92 -16.08 -13.28 27.27
CA ALA C 92 -16.86 -12.80 28.41
C ALA C 92 -17.21 -11.34 28.17
N CYS C 93 -18.23 -10.87 28.90
CA CYS C 93 -18.71 -9.51 28.76
C CYS C 93 -18.83 -8.87 30.14
N VAL C 94 -18.97 -7.54 30.13
CA VAL C 94 -19.12 -6.76 31.35
C VAL C 94 -20.05 -5.60 31.06
N LEU C 95 -21.14 -5.49 31.81
CA LEU C 95 -22.11 -4.41 31.68
C LEU C 95 -21.84 -3.38 32.76
N VAL C 96 -21.42 -2.20 32.36
CA VAL C 96 -21.10 -1.13 33.30
C VAL C 96 -22.27 -0.17 33.36
N PHE C 97 -22.49 0.41 34.55
CA PHE C 97 -23.45 1.48 34.70
C PHE C 97 -23.10 2.29 35.94
N SER C 98 -23.68 3.49 36.02
CA SER C 98 -23.37 4.45 37.07
C SER C 98 -24.58 4.64 37.98
N THR C 99 -24.31 4.80 39.28
CA THR C 99 -25.38 5.09 40.22
C THR C 99 -25.95 6.49 40.01
N THR C 100 -25.13 7.43 39.55
CA THR C 100 -25.61 8.78 39.30
C THR C 100 -26.45 8.86 38.04
N ASP C 101 -26.03 8.19 36.97
CA ASP C 101 -26.74 8.24 35.71
C ASP C 101 -27.98 7.36 35.80
N ARG C 102 -29.04 7.79 35.12
CA ARG C 102 -30.31 7.06 35.11
C ARG C 102 -30.47 6.19 33.88
N GLU C 103 -30.03 6.65 32.71
CA GLU C 103 -30.31 5.94 31.47
C GLU C 103 -29.70 4.54 31.47
N SER C 104 -28.45 4.41 31.93
CA SER C 104 -27.81 3.10 31.96
C SER C 104 -28.55 2.13 32.89
N PHE C 105 -29.25 2.67 33.90
CA PHE C 105 -29.92 1.82 34.87
C PHE C 105 -30.96 0.92 34.21
N GLU C 106 -31.70 1.44 33.23
CA GLU C 106 -32.59 0.59 32.45
C GLU C 106 -31.94 0.11 31.16
N ALA C 107 -30.82 0.71 30.74
CA ALA C 107 -30.16 0.25 29.53
C ALA C 107 -29.37 -1.03 29.74
N VAL C 108 -29.08 -1.38 30.99
CA VAL C 108 -28.35 -2.62 31.26
C VAL C 108 -29.13 -3.83 30.78
N SER C 109 -30.45 -3.81 30.94
CA SER C 109 -31.25 -4.94 30.48
C SER C 109 -31.14 -5.10 28.96
N SER C 110 -31.23 -3.99 28.23
CA SER C 110 -31.09 -4.04 26.78
C SER C 110 -29.69 -4.51 26.39
N TRP C 111 -28.66 -4.02 27.07
CA TRP C 111 -27.31 -4.44 26.74
C TRP C 111 -27.12 -5.94 27.01
N ARG C 112 -27.66 -6.44 28.10
CA ARG C 112 -27.54 -7.86 28.41
C ARG C 112 -28.25 -8.70 27.35
N GLU C 113 -29.49 -8.33 26.99
CA GLU C 113 -30.20 -9.13 26.02
C GLU C 113 -29.51 -9.09 24.66
N LYS C 114 -28.99 -7.93 24.26
CA LYS C 114 -28.27 -7.84 22.99
C LYS C 114 -27.00 -8.68 23.02
N VAL C 115 -26.23 -8.62 24.10
CA VAL C 115 -24.96 -9.33 24.15
C VAL C 115 -25.18 -10.84 24.21
N VAL C 116 -26.29 -11.29 24.82
CA VAL C 116 -26.52 -12.73 24.84
C VAL C 116 -27.17 -13.20 23.55
N ALA C 117 -27.92 -12.33 22.86
CA ALA C 117 -28.51 -12.72 21.59
C ALA C 117 -27.48 -12.71 20.46
N GLU C 118 -26.43 -11.92 20.59
CA GLU C 118 -25.44 -11.80 19.52
C GLU C 118 -24.52 -13.03 19.47
N VAL C 119 -23.82 -13.29 20.57
CA VAL C 119 -22.82 -14.34 20.61
C VAL C 119 -23.32 -15.58 21.34
N GLY C 120 -24.06 -15.41 22.43
CA GLY C 120 -24.63 -16.54 23.14
C GLY C 120 -24.60 -16.30 24.63
N ASP C 121 -24.90 -17.36 25.38
CA ASP C 121 -24.92 -17.29 26.84
C ASP C 121 -23.50 -17.35 27.35
N ILE C 122 -23.09 -16.32 28.10
CA ILE C 122 -21.70 -16.19 28.53
C ILE C 122 -21.65 -16.03 30.04
N PRO C 123 -20.63 -16.59 30.72
CA PRO C 123 -20.47 -16.32 32.16
C PRO C 123 -19.93 -14.93 32.42
N THR C 124 -20.82 -13.95 32.50
CA THR C 124 -20.46 -12.55 32.67
C THR C 124 -20.94 -12.03 34.03
N VAL C 125 -20.73 -10.73 34.24
CA VAL C 125 -21.23 -10.04 35.43
C VAL C 125 -21.20 -8.56 35.14
N LEU C 126 -22.04 -7.80 35.85
CA LEU C 126 -22.15 -6.36 35.67
C LEU C 126 -21.40 -5.63 36.78
N VAL C 127 -21.37 -4.30 36.68
CA VAL C 127 -20.62 -3.48 37.62
C VAL C 127 -21.21 -2.07 37.65
N GLN C 128 -21.43 -1.56 38.86
CA GLN C 128 -21.83 -0.18 39.08
C GLN C 128 -20.63 0.62 39.57
N ILE C 129 -20.34 1.72 38.88
CA ILE C 129 -19.18 2.54 39.19
C ILE C 129 -19.63 3.87 39.76
N LYS C 130 -18.74 4.50 40.52
CA LYS C 130 -18.97 5.79 41.17
C LYS C 130 -20.27 5.83 41.95
N SER C 137 -27.75 9.71 45.83
CA SER C 137 -27.78 9.37 44.42
C SER C 137 -29.21 9.27 43.90
N CYS C 138 -29.36 9.28 42.58
CA CYS C 138 -30.69 9.20 41.97
C CYS C 138 -31.26 7.79 41.99
N ILE C 139 -30.43 6.78 42.25
CA ILE C 139 -30.88 5.40 42.25
C ILE C 139 -30.56 4.77 43.60
N LYS C 140 -31.26 3.68 43.91
CA LYS C 140 -31.14 2.99 45.18
C LYS C 140 -30.46 1.64 44.98
N ASN C 141 -29.64 1.25 45.96
CA ASN C 141 -28.91 -0.01 45.89
C ASN C 141 -29.87 -1.19 45.83
N GLU C 142 -31.03 -1.09 46.50
CA GLU C 142 -31.97 -2.20 46.52
C GLU C 142 -32.47 -2.53 45.12
N GLU C 143 -32.75 -1.52 44.31
CA GLU C 143 -33.18 -1.78 42.94
C GLU C 143 -32.07 -2.47 42.14
N ALA C 144 -30.82 -2.04 42.33
CA ALA C 144 -29.70 -2.66 41.64
C ALA C 144 -29.59 -4.14 42.03
N GLU C 145 -29.74 -4.45 43.31
CA GLU C 145 -29.77 -5.84 43.74
C GLU C 145 -30.95 -6.58 43.10
N ALA C 146 -32.07 -5.88 42.93
CA ALA C 146 -33.23 -6.51 42.29
C ALA C 146 -32.91 -6.95 40.87
N LEU C 147 -32.34 -6.06 40.05
CA LEU C 147 -31.98 -6.49 38.71
C LEU C 147 -30.89 -7.56 38.76
N ALA C 148 -29.90 -7.41 39.65
CA ALA C 148 -28.81 -8.38 39.72
C ALA C 148 -29.34 -9.79 39.97
N LYS C 149 -30.17 -9.94 41.00
CA LYS C 149 -30.78 -11.25 41.27
C LYS C 149 -31.72 -11.66 40.14
N ARG C 150 -32.31 -10.70 39.45
CA ARG C 150 -33.20 -11.03 38.33
C ARG C 150 -32.44 -11.69 37.18
N LEU C 151 -31.24 -11.18 36.86
CA LEU C 151 -30.51 -11.61 35.68
C LEU C 151 -29.24 -12.38 36.01
N LYS C 152 -29.25 -13.09 37.14
CA LYS C 152 -28.32 -14.16 37.54
C LYS C 152 -26.94 -13.66 37.96
N LEU C 153 -26.62 -12.38 37.78
CA LEU C 153 -25.30 -11.88 38.12
C LEU C 153 -25.34 -11.11 39.43
N ARG C 154 -24.16 -10.83 39.99
CA ARG C 154 -24.05 -10.15 41.26
C ARG C 154 -23.56 -8.72 41.06
N PHE C 155 -24.21 -7.79 41.75
CA PHE C 155 -23.82 -6.39 41.72
C PHE C 155 -22.47 -6.21 42.41
N TYR C 156 -21.68 -5.26 41.91
CA TYR C 156 -20.42 -4.88 42.56
C TYR C 156 -20.43 -3.38 42.83
N ARG C 157 -20.04 -3.00 44.05
CA ARG C 157 -19.93 -1.61 44.44
C ARG C 157 -18.51 -1.15 44.10
N THR C 158 -18.40 -0.22 43.16
CA THR C 158 -17.11 0.29 42.72
C THR C 158 -17.13 1.82 42.70
N SER C 159 -15.98 2.40 43.00
CA SER C 159 -15.81 3.85 42.99
C SER C 159 -14.52 4.21 42.26
N VAL C 160 -14.51 5.39 41.66
CA VAL C 160 -13.34 5.85 40.92
C VAL C 160 -12.19 6.18 41.85
N LYS C 161 -12.43 6.30 43.16
CA LYS C 161 -11.41 6.65 44.12
C LYS C 161 -10.94 5.48 44.96
N GLU C 162 -11.79 4.46 45.17
CA GLU C 162 -11.40 3.35 46.03
C GLU C 162 -10.34 2.47 45.37
N ASP C 163 -10.34 2.37 44.04
CA ASP C 163 -9.38 1.56 43.29
C ASP C 163 -9.40 0.10 43.76
N LEU C 164 -10.60 -0.47 43.77
CA LEU C 164 -10.80 -1.85 44.17
C LEU C 164 -12.13 -2.33 43.61
N ASN C 165 -12.45 -3.60 43.91
CA ASN C 165 -13.69 -4.25 43.48
C ASN C 165 -13.80 -4.36 41.96
N VAL C 166 -12.68 -4.24 41.25
CA VAL C 166 -12.65 -4.37 39.79
C VAL C 166 -11.73 -5.50 39.36
N ASN C 167 -10.50 -5.52 39.86
CA ASN C 167 -9.62 -6.65 39.58
C ASN C 167 -10.20 -7.94 40.12
N GLU C 168 -10.99 -7.87 41.20
CA GLU C 168 -11.73 -9.04 41.64
C GLU C 168 -12.78 -9.45 40.61
N VAL C 169 -13.44 -8.47 39.98
CA VAL C 169 -14.41 -8.78 38.93
C VAL C 169 -13.73 -9.54 37.80
N PHE C 170 -12.61 -9.00 37.33
CA PHE C 170 -11.93 -9.61 36.19
C PHE C 170 -11.34 -10.96 36.57
N LYS C 171 -10.83 -11.10 37.79
CA LYS C 171 -10.33 -12.39 38.25
C LYS C 171 -11.44 -13.42 38.32
N TYR C 172 -12.62 -13.01 38.81
CA TYR C 172 -13.73 -13.95 38.89
C TYR C 172 -14.19 -14.39 37.51
N LEU C 173 -14.27 -13.45 36.56
CA LEU C 173 -14.68 -13.82 35.20
C LEU C 173 -13.65 -14.72 34.54
N ALA C 174 -12.36 -14.42 34.75
CA ALA C 174 -11.31 -15.27 34.21
C ALA C 174 -11.36 -16.66 34.84
N GLU C 175 -11.66 -16.73 36.14
CA GLU C 175 -11.79 -18.02 36.79
C GLU C 175 -12.97 -18.81 36.23
N LYS C 176 -14.08 -18.13 35.93
CA LYS C 176 -15.20 -18.81 35.30
C LYS C 176 -14.80 -19.38 33.94
N TYR C 177 -14.08 -18.59 33.15
CA TYR C 177 -13.66 -19.09 31.84
C TYR C 177 -12.63 -20.21 31.97
N LEU C 178 -11.76 -20.13 32.98
CA LEU C 178 -10.80 -21.21 33.21
C LEU C 178 -11.51 -22.49 33.62
N GLN C 179 -12.56 -22.37 34.44
CA GLN C 179 -13.37 -23.52 34.77
C GLN C 179 -14.00 -24.12 33.52
N LYS C 180 -14.51 -23.26 32.63
CA LYS C 180 -15.09 -23.75 31.39
C LYS C 180 -14.06 -24.50 30.55
N LEU C 181 -12.85 -23.94 30.44
CA LEU C 181 -11.84 -24.56 29.59
C LEU C 181 -11.35 -25.88 30.18
N LYS C 182 -11.07 -25.91 31.49
CA LYS C 182 -10.69 -27.16 32.13
C LYS C 182 -11.85 -28.15 32.15
N GLN C 183 -13.08 -27.68 31.97
CA GLN C 183 -14.21 -28.60 31.91
C GLN C 183 -14.28 -29.28 30.55
N GLN C 184 -14.22 -28.52 29.46
CA GLN C 184 -14.44 -29.20 28.19
C GLN C 184 -13.13 -29.67 27.54
N ILE C 185 -11.98 -29.39 28.15
CA ILE C 185 -10.72 -29.89 27.60
C ILE C 185 -10.67 -31.41 27.69
N ALA C 186 -11.23 -31.99 28.75
CA ALA C 186 -11.21 -33.42 28.95
C ALA C 186 -12.30 -34.10 28.12
#